data_2PW9
#
_entry.id   2PW9
#
_cell.length_a   61.987
_cell.length_b   99.257
_cell.length_c   88.502
_cell.angle_alpha   90.000
_cell.angle_beta   109.700
_cell.angle_gamma   90.000
#
_symmetry.space_group_name_H-M   'P 1 21 1'
#
loop_
_entity.id
_entity.type
_entity.pdbx_description
1 polymer 'Putative formate dehydrogenase accessory protein'
2 non-polymer 'SULFATE ION'
3 water water
#
_entity_poly.entity_id   1
_entity_poly.type   'polypeptide(L)'
_entity_poly.pdbx_seq_one_letter_code
;MSLSKLDIPLSIMQKSVVIRPGGRQEMDEHVAIETPYAIALNDRVIGSSMVLPVDLEEFGAGFLFGQGYIKKAEEIREIL
VCPQGRISVYADVENEEPREVIITSGCGGTGKIPKEMLEGEFAPLADYCLPFAEIKSFIREALHSSPLGPQTHCVHGCGL
WNNGRLQVYHEDVGRHNAVDKVLGSILLGRASNNSAVYTTGRLTSDMVLKCARIGIPIIMSRTSPSSLGLALAKRSGATL
VAYSRPERINVFNAPERILTEGHHHHHH
;
_entity_poly.pdbx_strand_id   A,B,C,D
#
loop_
_chem_comp.id
_chem_comp.type
_chem_comp.name
_chem_comp.formula
SO4 non-polymer 'SULFATE ION' 'O4 S -2'
#
# COMPACT_ATOMS: atom_id res chain seq x y z
N PRO A 9 -4.96 -1.34 -2.71
CA PRO A 9 -4.65 -0.29 -1.72
C PRO A 9 -5.73 -0.24 -0.61
N LEU A 10 -5.31 -0.29 0.64
CA LEU A 10 -6.24 -0.13 1.77
C LEU A 10 -6.03 1.12 2.62
N SER A 11 -4.92 1.83 2.49
CA SER A 11 -4.74 3.09 3.18
C SER A 11 -3.81 4.03 2.44
N ILE A 12 -3.87 5.31 2.79
CA ILE A 12 -3.11 6.39 2.17
C ILE A 12 -2.35 7.16 3.24
N MET A 13 -1.16 7.64 2.89
CA MET A 13 -0.41 8.48 3.79
C MET A 13 -0.98 9.87 3.69
N GLN A 14 -1.07 10.56 4.82
CA GLN A 14 -1.64 11.91 4.82
C GLN A 14 -0.93 12.76 5.84
N LYS A 15 -0.76 14.04 5.58
CA LYS A 15 -0.18 14.88 6.59
C LYS A 15 -1.22 15.46 7.54
N SER A 16 -0.85 15.61 8.81
CA SER A 16 -1.63 16.43 9.71
C SER A 16 -0.70 17.35 10.48
N VAL A 17 -1.29 18.30 11.19
CA VAL A 17 -0.60 19.16 12.13
C VAL A 17 -1.07 18.78 13.52
N VAL A 18 -0.16 18.29 14.35
CA VAL A 18 -0.52 18.12 15.77
C VAL A 18 -0.32 19.41 16.57
N ILE A 19 -1.38 19.86 17.22
CA ILE A 19 -1.37 21.13 17.92
C ILE A 19 -1.43 20.84 19.40
N ARG A 20 -0.52 21.45 20.16
CA ARG A 20 -0.55 21.41 21.62
C ARG A 20 -0.33 22.80 22.19
N PRO A 21 -0.36 22.94 23.54
CA PRO A 21 -0.23 24.31 24.06
C PRO A 21 1.13 24.93 23.70
N GLY A 22 2.19 24.13 23.77
CA GLY A 22 3.51 24.58 23.40
C GLY A 22 3.68 25.07 21.97
N GLY A 23 3.08 24.35 21.00
CA GLY A 23 3.14 24.76 19.60
C GLY A 23 2.53 23.77 18.61
N ARG A 24 3.05 23.75 17.39
CA ARG A 24 2.51 22.94 16.27
C ARG A 24 3.57 22.09 15.56
N GLN A 25 3.35 20.78 15.46
CA GLN A 25 4.22 19.91 14.67
C GLN A 25 3.49 19.15 13.56
N GLU A 26 4.00 19.26 12.34
CA GLU A 26 3.61 18.38 11.25
C GLU A 26 3.82 16.89 11.56
N MET A 27 2.97 16.04 10.98
CA MET A 27 3.04 14.61 11.22
C MET A 27 2.50 13.76 10.06
N ASP A 28 3.15 12.62 9.82
CA ASP A 28 2.68 11.63 8.86
C ASP A 28 1.62 10.75 9.49
N GLU A 29 0.55 10.47 8.76
CA GLU A 29 -0.50 9.58 9.28
C GLU A 29 -0.93 8.54 8.24
N HIS A 30 -1.37 7.38 8.69
CA HIS A 30 -2.05 6.39 7.81
C HIS A 30 -3.56 6.59 7.94
N VAL A 31 -4.24 6.68 6.80
CA VAL A 31 -5.65 6.92 6.78
C VAL A 31 -6.35 5.77 5.99
N ALA A 32 -7.25 5.05 6.65
CA ALA A 32 -7.97 3.98 5.98
C ALA A 32 -8.82 4.43 4.81
N ILE A 33 -8.82 3.60 3.76
CA ILE A 33 -9.56 3.86 2.56
C ILE A 33 -11.04 3.42 2.71
N GLU A 34 -11.96 4.36 2.50
CA GLU A 34 -13.40 4.11 2.44
C GLU A 34 -13.83 4.46 1.04
N THR A 35 -14.58 3.57 0.37
CA THR A 35 -14.91 3.72 -1.02
C THR A 35 -16.23 2.99 -1.35
N PRO A 36 -17.09 3.61 -2.19
CA PRO A 36 -18.38 3.00 -2.58
C PRO A 36 -18.28 1.86 -3.61
N TYR A 37 -18.95 0.74 -3.32
CA TYR A 37 -19.07 -0.33 -4.29
C TYR A 37 -20.55 -0.64 -4.47
N ALA A 38 -20.95 -0.88 -5.71
CA ALA A 38 -22.31 -1.32 -5.98
C ALA A 38 -22.30 -2.85 -5.95
N ILE A 39 -23.38 -3.44 -5.44
CA ILE A 39 -23.48 -4.88 -5.41
C ILE A 39 -24.58 -5.30 -6.37
N ALA A 40 -24.27 -6.18 -7.32
CA ALA A 40 -25.23 -6.60 -8.34
C ALA A 40 -25.51 -8.09 -8.21
N LEU A 41 -26.77 -8.50 -8.41
CA LEU A 41 -27.16 -9.92 -8.49
C LEU A 41 -27.64 -10.21 -9.89
N ASN A 42 -27.07 -11.20 -10.58
CA ASN A 42 -27.50 -11.51 -11.94
C ASN A 42 -27.65 -10.23 -12.79
N ASP A 43 -26.57 -9.44 -12.81
CA ASP A 43 -26.50 -8.18 -13.57
C ASP A 43 -27.48 -7.06 -13.23
N ARG A 44 -28.13 -7.12 -12.06
CA ARG A 44 -29.02 -6.05 -11.61
C ARG A 44 -28.56 -5.51 -10.24
N VAL A 45 -28.23 -4.23 -10.19
CA VAL A 45 -27.68 -3.61 -8.99
C VAL A 45 -28.69 -3.64 -7.85
N ILE A 46 -28.32 -4.29 -6.77
CA ILE A 46 -29.18 -4.53 -5.61
C ILE A 46 -29.03 -3.46 -4.55
N GLY A 47 -27.87 -2.82 -4.54
CA GLY A 47 -27.49 -2.00 -3.41
C GLY A 47 -26.08 -1.51 -3.55
N SER A 48 -25.60 -0.91 -2.47
CA SER A 48 -24.34 -0.18 -2.44
C SER A 48 -23.91 0.01 -1.01
N SER A 49 -22.58 0.03 -0.83
CA SER A 49 -21.97 0.17 0.46
C SER A 49 -20.61 0.88 0.40
N MET A 50 -20.26 1.52 1.52
CA MET A 50 -18.92 2.07 1.77
C MET A 50 -18.01 1.00 2.41
N VAL A 51 -16.96 0.63 1.71
CA VAL A 51 -16.16 -0.53 2.08
C VAL A 51 -14.70 -0.20 2.14
N LEU A 52 -13.98 -0.97 2.92
CA LEU A 52 -12.53 -1.11 2.84
C LEU A 52 -12.36 -2.11 1.73
N PRO A 53 -11.58 -1.74 0.68
CA PRO A 53 -11.64 -2.51 -0.58
C PRO A 53 -10.76 -3.74 -0.61
N VAL A 54 -11.08 -4.66 0.31
CA VAL A 54 -10.43 -5.93 0.43
C VAL A 54 -11.46 -7.02 0.69
N ASP A 55 -11.20 -8.23 0.17
CA ASP A 55 -12.06 -9.43 0.39
C ASP A 55 -13.51 -9.16 -0.03
N LEU A 56 -13.60 -8.58 -1.21
CA LEU A 56 -14.87 -8.16 -1.74
C LEU A 56 -15.71 -9.27 -2.36
N GLU A 57 -15.10 -10.39 -2.77
CA GLU A 57 -15.90 -11.58 -3.14
C GLU A 57 -16.74 -12.00 -1.94
N GLU A 58 -16.05 -12.23 -0.81
CA GLU A 58 -16.71 -12.53 0.45
C GLU A 58 -17.73 -11.45 0.79
N PHE A 59 -17.34 -10.18 0.71
CA PHE A 59 -18.30 -9.12 1.02
C PHE A 59 -19.60 -9.26 0.18
N GLY A 60 -19.43 -9.47 -1.12
CA GLY A 60 -20.57 -9.58 -2.02
C GLY A 60 -21.55 -10.66 -1.64
N ALA A 61 -21.07 -11.86 -1.34
CA ALA A 61 -21.94 -12.99 -0.95
C ALA A 61 -22.64 -12.73 0.38
N GLY A 62 -21.86 -12.26 1.37
CA GLY A 62 -22.37 -11.99 2.71
C GLY A 62 -23.34 -10.83 2.75
N PHE A 63 -23.09 -9.77 1.97
CA PHE A 63 -24.07 -8.64 1.88
C PHE A 63 -25.44 -9.12 1.34
N LEU A 64 -25.41 -9.92 0.28
CA LEU A 64 -26.66 -10.43 -0.27
C LEU A 64 -27.38 -11.39 0.67
N PHE A 65 -26.66 -12.32 1.33
CA PHE A 65 -27.24 -13.09 2.42
C PHE A 65 -27.87 -12.21 3.51
N GLY A 66 -27.14 -11.20 3.99
CA GLY A 66 -27.66 -10.24 4.99
C GLY A 66 -28.94 -9.50 4.57
N GLN A 67 -29.04 -9.15 3.29
CA GLN A 67 -30.26 -8.55 2.73
C GLN A 67 -31.36 -9.54 2.39
N GLY A 68 -31.04 -10.83 2.35
CA GLY A 68 -32.08 -11.83 2.15
C GLY A 68 -32.24 -12.29 0.70
N TYR A 69 -31.26 -12.00 -0.16
CA TYR A 69 -31.30 -12.45 -1.55
C TYR A 69 -30.77 -13.85 -1.78
N ILE A 70 -29.96 -14.33 -0.86
CA ILE A 70 -29.26 -15.60 -0.98
C ILE A 70 -29.38 -16.27 0.38
N LYS A 71 -29.52 -17.60 0.41
CA LYS A 71 -29.67 -18.32 1.69
C LYS A 71 -28.69 -19.48 1.81
N LYS A 72 -28.23 -19.99 0.69
CA LYS A 72 -27.38 -21.16 0.75
C LYS A 72 -26.17 -20.97 -0.10
N ALA A 73 -25.05 -21.53 0.35
CA ALA A 73 -23.83 -21.54 -0.43
C ALA A 73 -24.15 -22.04 -1.86
N GLU A 74 -24.99 -23.07 -1.97
CA GLU A 74 -25.22 -23.78 -3.23
C GLU A 74 -25.80 -22.92 -4.36
N GLU A 75 -26.49 -21.83 -4.03
CA GLU A 75 -27.09 -20.95 -5.04
C GLU A 75 -26.06 -20.09 -5.76
N ILE A 76 -24.88 -19.91 -5.15
CA ILE A 76 -23.85 -19.04 -5.72
C ILE A 76 -23.07 -19.71 -6.85
N ARG A 77 -23.10 -19.07 -8.02
CA ARG A 77 -22.36 -19.57 -9.18
C ARG A 77 -21.02 -18.89 -9.40
N GLU A 78 -20.98 -17.55 -9.40
CA GLU A 78 -19.69 -16.86 -9.33
C GLU A 78 -19.87 -15.40 -8.89
N ILE A 79 -18.75 -14.79 -8.50
CA ILE A 79 -18.70 -13.42 -8.04
C ILE A 79 -17.45 -12.80 -8.64
N LEU A 80 -17.62 -11.63 -9.26
CA LEU A 80 -16.55 -10.90 -9.93
C LEU A 80 -16.40 -9.56 -9.27
N VAL A 81 -15.16 -9.15 -9.02
CA VAL A 81 -14.90 -7.81 -8.52
C VAL A 81 -14.22 -6.92 -9.58
N CYS A 82 -14.82 -5.76 -9.82
CA CYS A 82 -14.27 -4.74 -10.72
CA CYS A 82 -14.28 -4.74 -10.72
C CYS A 82 -13.74 -3.55 -9.91
N PRO A 83 -12.45 -3.18 -10.10
CA PRO A 83 -11.94 -1.99 -9.37
C PRO A 83 -12.65 -0.67 -9.70
N GLN A 84 -13.55 -0.68 -10.68
CA GLN A 84 -14.37 0.51 -10.90
C GLN A 84 -15.46 0.74 -9.85
N GLY A 85 -15.74 -0.22 -8.99
CA GLY A 85 -16.78 0.00 -7.98
C GLY A 85 -17.99 -0.90 -8.08
N ARG A 86 -17.78 -2.10 -8.61
CA ARG A 86 -18.85 -3.07 -8.70
C ARG A 86 -18.42 -4.45 -8.32
N ILE A 87 -19.25 -5.10 -7.49
CA ILE A 87 -19.12 -6.50 -7.23
C ILE A 87 -20.31 -7.18 -7.93
N SER A 88 -20.03 -8.13 -8.82
CA SER A 88 -21.12 -8.79 -9.52
C SER A 88 -21.29 -10.20 -9.08
N VAL A 89 -22.43 -10.50 -8.46
CA VAL A 89 -22.71 -11.84 -7.98
C VAL A 89 -23.68 -12.55 -8.96
N TYR A 90 -23.35 -13.81 -9.25
CA TYR A 90 -24.16 -14.68 -10.13
C TYR A 90 -24.68 -15.84 -9.33
N ALA A 91 -25.99 -15.92 -9.21
CA ALA A 91 -26.63 -16.93 -8.35
C ALA A 91 -27.98 -17.44 -8.86
N ASP A 92 -28.23 -18.71 -8.63
CA ASP A 92 -29.52 -19.27 -8.97
C ASP A 92 -30.60 -18.81 -7.96
N LYS A 112 -28.72 -2.09 7.71
CA LYS A 112 -29.91 -2.39 6.91
C LYS A 112 -30.30 -3.86 6.99
N ILE A 113 -31.50 -4.13 7.52
CA ILE A 113 -32.06 -5.48 7.56
C ILE A 113 -33.52 -5.46 7.09
N PRO A 114 -33.95 -6.51 6.35
CA PRO A 114 -35.38 -6.69 6.03
C PRO A 114 -36.26 -6.91 7.28
N LYS A 115 -37.56 -6.74 7.12
CA LYS A 115 -38.54 -6.91 8.22
C LYS A 115 -38.71 -8.37 8.67
N GLU A 116 -38.75 -9.29 7.70
CA GLU A 116 -38.98 -10.72 7.96
C GLU A 116 -37.79 -11.43 8.62
N MET A 117 -36.59 -10.82 8.54
CA MET A 117 -35.40 -11.36 9.19
C MET A 117 -35.46 -11.26 10.72
N LEU A 118 -35.92 -10.13 11.24
CA LEU A 118 -36.00 -9.89 12.68
C LEU A 118 -36.85 -10.97 13.40
N GLU A 119 -38.04 -11.26 12.85
CA GLU A 119 -38.92 -12.30 13.39
C GLU A 119 -38.42 -13.69 13.05
N GLU A 121 -38.07 -16.75 13.31
CA GLU A 121 -37.78 -18.07 13.85
C GLU A 121 -36.45 -18.66 13.36
N PHE A 122 -35.61 -19.04 14.32
CA PHE A 122 -34.23 -19.46 14.04
C PHE A 122 -34.14 -20.98 13.89
N ALA A 123 -33.60 -21.40 12.75
CA ALA A 123 -33.14 -22.78 12.55
C ALA A 123 -32.00 -23.09 13.54
N PRO A 124 -31.70 -24.39 13.81
CA PRO A 124 -30.67 -24.72 14.80
C PRO A 124 -29.26 -24.23 14.43
N LEU A 125 -28.47 -23.93 15.46
CA LEU A 125 -27.09 -23.48 15.33
C LEU A 125 -26.15 -24.68 15.45
N ALA A 126 -24.91 -24.50 14.97
CA ALA A 126 -23.88 -25.55 15.02
C ALA A 126 -23.48 -26.04 16.44
N ASP A 127 -22.73 -27.15 16.52
CA ASP A 127 -22.43 -27.76 17.82
C ASP A 127 -21.09 -27.38 18.40
N TYR A 128 -20.35 -26.50 17.73
CA TYR A 128 -19.03 -26.09 18.21
C TYR A 128 -19.10 -25.54 19.65
N CYS A 129 -18.12 -25.89 20.44
CA CYS A 129 -17.93 -25.35 21.79
C CYS A 129 -16.50 -24.91 21.89
N LEU A 130 -16.26 -23.86 22.67
CA LEU A 130 -14.99 -23.15 22.69
C LEU A 130 -14.20 -23.46 23.96
N PRO A 131 -13.00 -24.07 23.82
CA PRO A 131 -12.26 -24.26 25.04
C PRO A 131 -11.82 -22.89 25.54
N PHE A 132 -12.20 -22.56 26.79
CA PHE A 132 -11.80 -21.30 27.40
C PHE A 132 -10.33 -21.01 27.19
N ALA A 133 -9.49 -22.05 27.08
CA ALA A 133 -8.02 -21.87 27.01
C ALA A 133 -7.51 -21.35 25.67
N GLU A 134 -8.30 -21.56 24.61
CA GLU A 134 -7.95 -21.09 23.28
C GLU A 134 -8.37 -19.65 23.02
N ILE A 135 -9.11 -19.08 23.96
CA ILE A 135 -9.58 -17.68 23.83
C ILE A 135 -8.42 -16.70 23.67
N LYS A 136 -7.37 -16.83 24.50
CA LYS A 136 -6.16 -16.01 24.36
C LYS A 136 -5.49 -16.12 23.02
N SER A 137 -5.45 -17.34 22.45
CA SER A 137 -4.90 -17.55 21.10
C SER A 137 -5.80 -16.97 19.99
N PHE A 138 -7.12 -17.17 20.09
CA PHE A 138 -8.10 -16.63 19.14
C PHE A 138 -7.93 -15.09 19.07
N ILE A 139 -7.96 -14.44 20.22
CA ILE A 139 -7.90 -12.98 20.31
C ILE A 139 -6.58 -12.45 19.82
N ARG A 140 -5.47 -13.02 20.32
CA ARG A 140 -4.11 -12.74 19.80
C ARG A 140 -3.94 -12.86 18.29
N GLU A 141 -4.33 -14.01 17.73
CA GLU A 141 -4.24 -14.22 16.28
C GLU A 141 -5.13 -13.25 15.46
N ALA A 142 -6.30 -12.91 16.01
CA ALA A 142 -7.23 -11.97 15.37
C ALA A 142 -6.54 -10.61 15.33
N LEU A 143 -6.19 -10.08 16.51
CA LEU A 143 -5.58 -8.76 16.62
C LEU A 143 -4.26 -8.62 15.90
N HIS A 144 -3.56 -9.74 15.74
CA HIS A 144 -2.28 -9.70 15.08
C HIS A 144 -2.40 -9.98 13.61
N SER A 145 -3.61 -10.29 13.14
CA SER A 145 -3.69 -10.76 11.78
C SER A 145 -3.33 -9.68 10.75
N SER A 146 -3.66 -8.43 11.04
CA SER A 146 -3.45 -7.35 10.10
C SER A 146 -2.87 -6.12 10.85
N PRO A 147 -1.98 -5.39 10.19
CA PRO A 147 -1.50 -4.17 10.82
C PRO A 147 -2.40 -2.94 10.61
N LEU A 148 -3.49 -3.06 9.86
CA LEU A 148 -4.28 -1.86 9.51
C LEU A 148 -4.90 -1.14 10.71
N GLY A 149 -5.33 -1.87 11.73
CA GLY A 149 -5.94 -1.22 12.89
C GLY A 149 -4.92 -0.41 13.69
N PRO A 150 -3.80 -1.03 14.08
CA PRO A 150 -2.73 -0.19 14.67
C PRO A 150 -2.28 1.03 13.82
N GLN A 151 -2.25 0.90 12.49
CA GLN A 151 -1.83 1.98 11.62
C GLN A 151 -2.88 3.12 11.45
N THR A 152 -4.13 2.75 11.22
CA THR A 152 -5.15 3.71 10.81
C THR A 152 -6.20 4.04 11.89
N HIS A 153 -6.37 3.16 12.88
CA HIS A 153 -7.43 3.21 13.95
C HIS A 153 -8.83 3.44 13.35
N CYS A 154 -9.05 2.98 12.13
CA CYS A 154 -10.33 3.15 11.45
C CYS A 154 -10.93 1.86 10.88
N VAL A 155 -10.57 0.70 11.38
CA VAL A 155 -11.10 -0.54 10.79
C VAL A 155 -11.56 -1.48 11.90
N HIS A 156 -12.65 -2.18 11.64
CA HIS A 156 -13.08 -3.22 12.56
C HIS A 156 -12.66 -4.55 11.96
N GLY A 157 -12.57 -5.59 12.76
CA GLY A 157 -12.21 -6.88 12.19
C GLY A 157 -13.11 -7.90 12.77
N CYS A 158 -13.27 -9.02 12.07
CA CYS A 158 -14.13 -10.11 12.47
C CYS A 158 -13.48 -11.42 11.98
N GLY A 159 -13.38 -12.39 12.89
CA GLY A 159 -12.80 -13.68 12.54
C GLY A 159 -13.59 -14.90 13.02
N LEU A 160 -13.25 -16.08 12.46
CA LEU A 160 -13.78 -17.35 12.91
C LEU A 160 -12.70 -18.30 13.38
N TRP A 161 -12.98 -18.97 14.49
CA TRP A 161 -12.08 -19.94 15.15
C TRP A 161 -12.75 -21.30 15.25
N ASN A 162 -12.06 -22.30 14.71
CA ASN A 162 -12.37 -23.70 15.03
C ASN A 162 -11.08 -24.51 14.94
N ASN A 163 -11.11 -25.74 15.45
CA ASN A 163 -9.93 -26.63 15.39
C ASN A 163 -8.63 -25.97 15.87
N GLY A 164 -8.73 -25.14 16.90
CA GLY A 164 -7.50 -24.52 17.50
C GLY A 164 -6.78 -23.57 16.54
N ARG A 165 -7.51 -23.01 15.57
CA ARG A 165 -6.91 -22.22 14.55
C ARG A 165 -7.85 -21.09 14.05
N LEU A 166 -7.24 -19.96 13.63
CA LEU A 166 -8.03 -18.86 13.07
C LEU A 166 -8.25 -19.19 11.62
N GLN A 167 -9.49 -19.54 11.27
CA GLN A 167 -9.78 -20.01 9.92
C GLN A 167 -9.78 -18.82 8.96
N VAL A 168 -10.45 -17.74 9.33
CA VAL A 168 -10.46 -16.53 8.49
C VAL A 168 -10.60 -15.32 9.36
N TYR A 169 -10.20 -14.17 8.82
CA TYR A 169 -10.26 -12.88 9.49
C TYR A 169 -10.34 -11.78 8.43
N HIS A 170 -11.37 -10.92 8.55
CA HIS A 170 -11.68 -9.86 7.56
C HIS A 170 -11.76 -8.56 8.33
N GLU A 171 -11.30 -7.50 7.71
CA GLU A 171 -11.55 -6.14 8.23
C GLU A 171 -12.33 -5.28 7.28
N ASP A 172 -12.91 -4.22 7.81
CA ASP A 172 -13.59 -3.22 7.01
C ASP A 172 -13.73 -1.96 7.80
N VAL A 173 -14.06 -0.89 7.12
CA VAL A 173 -14.35 0.33 7.86
C VAL A 173 -15.62 0.19 8.66
N GLY A 174 -16.58 -0.62 8.20
CA GLY A 174 -17.85 -0.76 8.94
C GLY A 174 -17.95 -2.11 9.61
N ARG A 175 -18.35 -2.16 10.87
CA ARG A 175 -18.36 -3.47 11.58
C ARG A 175 -19.34 -4.45 10.94
N HIS A 176 -20.40 -3.91 10.36
CA HIS A 176 -21.44 -4.75 9.68
C HIS A 176 -20.91 -5.39 8.38
N ASN A 177 -20.15 -4.61 7.60
CA ASN A 177 -19.36 -5.15 6.48
C ASN A 177 -18.32 -6.21 6.85
N ALA A 178 -17.58 -6.03 7.95
CA ALA A 178 -16.55 -6.99 8.37
C ALA A 178 -17.24 -8.35 8.66
N VAL A 179 -18.41 -8.27 9.27
CA VAL A 179 -19.20 -9.49 9.58
C VAL A 179 -19.73 -10.12 8.33
N ASP A 180 -20.32 -9.30 7.44
CA ASP A 180 -20.67 -9.75 6.10
C ASP A 180 -19.54 -10.48 5.34
N LYS A 181 -18.32 -10.00 5.46
CA LYS A 181 -17.20 -10.67 4.84
C LYS A 181 -17.01 -12.06 5.47
N VAL A 182 -17.21 -12.17 6.78
CA VAL A 182 -17.16 -13.51 7.45
C VAL A 182 -18.25 -14.45 6.98
N LEU A 183 -19.47 -13.94 6.86
CA LEU A 183 -20.57 -14.71 6.28
C LEU A 183 -20.30 -15.15 4.82
N GLY A 184 -19.72 -14.25 4.01
CA GLY A 184 -19.38 -14.55 2.63
C GLY A 184 -18.38 -15.65 2.59
N SER A 185 -17.46 -15.66 3.55
CA SER A 185 -16.48 -16.77 3.61
C SER A 185 -17.16 -18.10 3.78
N ILE A 186 -18.10 -18.17 4.72
CA ILE A 186 -18.83 -19.40 5.00
C ILE A 186 -19.61 -19.75 3.76
N LEU A 187 -20.25 -18.77 3.15
CA LEU A 187 -21.09 -19.07 1.98
C LEU A 187 -20.27 -19.52 0.77
N LEU A 188 -18.97 -19.20 0.75
CA LEU A 188 -18.16 -19.65 -0.37
C LEU A 188 -17.34 -20.89 -0.04
N GLY A 189 -17.65 -21.54 1.09
CA GLY A 189 -16.94 -22.77 1.48
C GLY A 189 -15.49 -22.52 1.85
N ARG A 190 -15.17 -21.28 2.18
CA ARG A 190 -13.81 -20.95 2.67
C ARG A 190 -13.71 -20.98 4.20
N ALA A 191 -14.85 -21.20 4.87
CA ALA A 191 -14.88 -21.28 6.33
C ALA A 191 -16.08 -22.04 6.74
N SER A 192 -16.10 -22.52 8.00
CA SER A 192 -17.24 -23.28 8.53
C SER A 192 -18.09 -22.45 9.54
N ASN A 193 -19.41 -22.62 9.52
CA ASN A 193 -20.25 -22.07 10.61
C ASN A 193 -20.10 -22.81 11.95
N ASN A 194 -19.46 -23.99 11.92
CA ASN A 194 -19.12 -24.67 13.18
C ASN A 194 -17.91 -24.07 13.90
N SER A 195 -18.11 -22.87 14.46
CA SER A 195 -17.01 -21.92 14.83
C SER A 195 -17.40 -20.93 15.94
N ALA A 196 -16.40 -20.30 16.58
CA ALA A 196 -16.65 -19.08 17.40
C ALA A 196 -16.33 -17.85 16.54
N VAL A 197 -17.18 -16.82 16.57
CA VAL A 197 -16.91 -15.59 15.86
C VAL A 197 -16.45 -14.54 16.89
N TYR A 198 -15.37 -13.82 16.60
CA TYR A 198 -14.94 -12.69 17.44
C TYR A 198 -15.00 -11.42 16.61
N THR A 199 -15.46 -10.31 17.18
CA THR A 199 -15.41 -9.05 16.45
C THR A 199 -14.89 -7.91 17.38
N THR A 200 -14.22 -6.93 16.80
CA THR A 200 -13.88 -5.76 17.54
C THR A 200 -15.13 -4.82 17.65
N GLY A 201 -16.22 -5.15 16.97
CA GLY A 201 -17.41 -4.30 16.98
C GLY A 201 -18.43 -4.61 18.08
N ARG A 202 -19.33 -3.67 18.32
CA ARG A 202 -20.38 -3.88 19.31
C ARG A 202 -21.42 -4.86 18.76
N LEU A 203 -21.96 -5.69 19.65
CA LEU A 203 -22.95 -6.69 19.24
C LEU A 203 -24.35 -6.10 19.36
N THR A 204 -24.65 -5.23 18.40
CA THR A 204 -26.01 -4.71 18.19
C THR A 204 -26.87 -5.74 17.41
N SER A 205 -28.14 -5.38 17.18
CA SER A 205 -29.15 -6.30 16.64
C SER A 205 -28.72 -6.98 15.34
N ASP A 206 -28.40 -6.17 14.34
CA ASP A 206 -27.97 -6.65 13.02
C ASP A 206 -26.72 -7.58 13.05
N MET A 207 -25.79 -7.30 13.97
CA MET A 207 -24.55 -8.11 14.10
C MET A 207 -24.79 -9.57 14.58
N VAL A 208 -25.59 -9.68 15.62
CA VAL A 208 -26.02 -10.98 16.18
C VAL A 208 -26.89 -11.73 15.18
N LEU A 209 -27.84 -10.99 14.60
CA LEU A 209 -28.81 -11.56 13.66
C LEU A 209 -28.12 -12.25 12.49
N LYS A 210 -27.13 -11.60 11.91
CA LYS A 210 -26.37 -12.18 10.79
C LYS A 210 -25.74 -13.50 11.23
N CYS A 211 -25.09 -13.47 12.41
CA CYS A 211 -24.39 -14.64 12.91
C CYS A 211 -25.33 -15.75 13.21
N ALA A 212 -26.47 -15.41 13.81
CA ALA A 212 -27.49 -16.42 14.18
C ALA A 212 -28.10 -17.07 12.95
N ARG A 213 -28.45 -16.25 11.93
CA ARG A 213 -29.02 -16.79 10.71
C ARG A 213 -28.09 -17.78 9.99
N ILE A 214 -26.78 -17.49 9.91
CA ILE A 214 -25.90 -18.47 9.27
C ILE A 214 -25.56 -19.69 10.13
N GLY A 215 -25.93 -19.67 11.42
CA GLY A 215 -25.77 -20.83 12.30
C GLY A 215 -24.57 -20.84 13.22
N ILE A 216 -23.92 -19.70 13.38
CA ILE A 216 -22.77 -19.62 14.30
C ILE A 216 -23.29 -19.61 15.73
N PRO A 217 -22.79 -20.52 16.60
CA PRO A 217 -23.31 -20.66 17.95
C PRO A 217 -22.63 -19.84 19.07
N ILE A 218 -21.44 -19.29 18.80
CA ILE A 218 -20.69 -18.50 19.80
C ILE A 218 -20.30 -17.16 19.15
N ILE A 219 -20.79 -16.07 19.70
CA ILE A 219 -20.62 -14.71 19.15
C ILE A 219 -19.97 -13.83 20.20
N MET A 220 -18.75 -13.39 19.92
CA MET A 220 -17.87 -12.75 20.89
C MET A 220 -17.50 -11.35 20.42
N SER A 221 -17.39 -10.42 21.36
CA SER A 221 -16.93 -9.05 21.09
C SER A 221 -15.92 -8.55 22.09
N ARG A 222 -15.01 -7.70 21.61
CA ARG A 222 -14.05 -7.00 22.46
C ARG A 222 -14.79 -6.04 23.40
N THR A 223 -16.05 -5.79 23.10
CA THR A 223 -16.79 -4.71 23.73
C THR A 223 -18.24 -5.12 24.01
N SER A 224 -19.17 -4.17 23.93
CA SER A 224 -20.49 -4.40 24.47
C SER A 224 -21.55 -4.95 23.51
N PRO A 225 -22.63 -5.53 24.09
CA PRO A 225 -23.90 -5.76 23.39
C PRO A 225 -24.93 -4.64 23.57
N SER A 226 -25.90 -4.55 22.65
CA SER A 226 -27.11 -3.81 22.90
C SER A 226 -28.16 -4.76 23.49
N SER A 227 -29.26 -4.17 23.93
CA SER A 227 -30.36 -4.93 24.47
C SER A 227 -31.07 -5.81 23.38
N LEU A 228 -31.11 -5.34 22.15
CA LEU A 228 -31.71 -6.09 21.07
C LEU A 228 -30.78 -7.20 20.61
N GLY A 229 -29.50 -6.88 20.48
CA GLY A 229 -28.47 -7.87 20.26
C GLY A 229 -28.66 -9.02 21.25
N LEU A 230 -28.71 -8.68 22.54
CA LEU A 230 -28.87 -9.68 23.61
C LEU A 230 -30.14 -10.49 23.46
N ALA A 231 -31.22 -9.82 23.06
CA ALA A 231 -32.52 -10.44 22.96
C ALA A 231 -32.58 -11.39 21.76
N LEU A 232 -31.92 -11.02 20.65
CA LEU A 232 -31.72 -11.96 19.52
C LEU A 232 -30.90 -13.19 19.89
N ALA A 233 -29.81 -13.02 20.65
CA ALA A 233 -29.01 -14.16 21.07
C ALA A 233 -29.81 -15.12 21.98
N LYS A 234 -30.71 -14.58 22.78
CA LYS A 234 -31.55 -15.41 23.64
C LYS A 234 -32.59 -16.18 22.86
N ARG A 235 -33.26 -15.52 21.90
CA ARG A 235 -34.17 -16.21 20.94
C ARG A 235 -33.50 -17.34 20.14
N SER A 236 -32.28 -17.10 19.66
CA SER A 236 -31.59 -18.06 18.80
C SER A 236 -30.91 -19.19 19.57
N GLY A 237 -30.61 -18.95 20.84
CA GLY A 237 -29.87 -19.87 21.69
C GLY A 237 -28.36 -19.64 21.71
N ALA A 238 -27.93 -18.53 21.11
CA ALA A 238 -26.54 -18.42 20.75
C ALA A 238 -25.80 -18.02 22.01
N THR A 239 -24.56 -18.45 22.13
CA THR A 239 -23.69 -17.93 23.19
C THR A 239 -23.17 -16.53 22.78
N LEU A 240 -23.41 -15.57 23.68
CA LEU A 240 -22.96 -14.20 23.44
C LEU A 240 -21.99 -13.77 24.54
N VAL A 241 -20.78 -13.43 24.11
CA VAL A 241 -19.64 -13.10 24.98
C VAL A 241 -19.25 -11.63 24.66
N ALA A 242 -19.12 -10.81 25.71
CA ALA A 242 -18.75 -9.37 25.61
C ALA A 242 -17.50 -9.11 26.41
N TYR A 243 -16.88 -7.96 26.14
CA TYR A 243 -15.70 -7.47 26.90
C TYR A 243 -14.54 -8.47 26.85
N SER A 244 -14.53 -9.28 25.80
CA SER A 244 -13.57 -10.35 25.69
C SER A 244 -12.15 -9.88 25.82
N ARG A 245 -11.47 -10.49 26.79
CA ARG A 245 -10.04 -10.36 26.97
C ARG A 245 -9.49 -11.77 27.03
N PRO A 246 -8.19 -11.93 26.72
CA PRO A 246 -7.48 -13.19 26.73
C PRO A 246 -7.77 -14.08 27.95
N GLU A 247 -7.93 -13.51 29.13
CA GLU A 247 -8.14 -14.36 30.28
C GLU A 247 -9.32 -13.88 31.12
N ARG A 248 -10.29 -13.25 30.47
CA ARG A 248 -11.54 -12.87 31.13
C ARG A 248 -12.65 -12.59 30.10
N ILE A 249 -13.89 -12.94 30.40
CA ILE A 249 -14.99 -12.75 29.48
C ILE A 249 -16.31 -12.60 30.19
N ASN A 250 -17.20 -11.77 29.65
CA ASN A 250 -18.51 -11.68 30.22
C ASN A 250 -19.46 -12.37 29.30
N VAL A 251 -19.92 -13.56 29.68
CA VAL A 251 -20.94 -14.30 28.91
C VAL A 251 -22.34 -13.81 29.31
N PHE A 252 -23.16 -13.38 28.34
CA PHE A 252 -24.56 -12.92 28.57
C PHE A 252 -25.67 -13.94 28.24
N ASN A 253 -25.32 -15.02 27.57
CA ASN A 253 -26.22 -16.14 27.27
C ASN A 253 -25.41 -17.41 27.00
N ALA A 254 -26.02 -18.56 27.30
CA ALA A 254 -25.50 -19.90 26.96
C ALA A 254 -24.03 -20.16 27.31
N PRO A 255 -23.66 -19.94 28.58
CA PRO A 255 -22.26 -20.11 28.94
C PRO A 255 -21.81 -21.59 28.89
N GLU A 256 -22.75 -22.50 28.73
CA GLU A 256 -22.44 -23.93 28.50
C GLU A 256 -21.49 -24.24 27.33
N ARG A 257 -21.33 -23.31 26.37
CA ARG A 257 -20.49 -23.60 25.18
C ARG A 257 -19.07 -23.24 25.40
N ILE A 258 -18.82 -22.58 26.53
CA ILE A 258 -17.44 -22.27 26.90
C ILE A 258 -16.89 -23.39 27.80
N LEU A 259 -15.95 -24.17 27.29
CA LEU A 259 -15.49 -25.38 27.97
C LEU A 259 -14.40 -25.05 28.98
N PRO B 9 -35.97 5.56 29.70
CA PRO B 9 -35.34 4.29 30.10
C PRO B 9 -34.30 3.85 29.05
N LEU B 10 -33.03 4.13 29.31
CA LEU B 10 -32.04 4.02 28.24
C LEU B 10 -31.10 2.86 28.39
N SER B 11 -31.19 2.17 29.53
CA SER B 11 -30.47 0.93 29.65
C SER B 11 -31.28 -0.10 30.43
N ILE B 12 -30.76 -1.34 30.45
CA ILE B 12 -31.35 -2.41 31.25
C ILE B 12 -30.29 -3.28 31.91
N MET B 13 -30.60 -3.69 33.14
CA MET B 13 -29.77 -4.54 33.95
C MET B 13 -29.92 -5.95 33.41
N GLN B 14 -28.80 -6.66 33.26
CA GLN B 14 -28.80 -8.01 32.69
C GLN B 14 -27.76 -8.83 33.39
N LYS B 15 -28.09 -10.09 33.69
CA LYS B 15 -27.12 -10.95 34.33
C LYS B 15 -26.11 -11.47 33.35
N SER B 16 -24.89 -11.49 33.83
CA SER B 16 -23.71 -11.81 33.07
C SER B 16 -22.99 -12.86 33.89
N VAL B 17 -22.04 -13.55 33.28
CA VAL B 17 -21.30 -14.55 33.96
C VAL B 17 -19.86 -14.28 33.62
N VAL B 18 -19.06 -13.79 34.56
CA VAL B 18 -17.66 -13.52 34.27
C VAL B 18 -16.82 -14.78 34.49
N ILE B 19 -16.04 -15.15 33.47
CA ILE B 19 -15.26 -16.37 33.48
C ILE B 19 -13.79 -16.04 33.30
N ARG B 20 -12.97 -16.57 34.20
CA ARG B 20 -11.50 -16.44 34.14
C ARG B 20 -10.79 -17.79 34.37
N PRO B 21 -9.47 -17.86 34.12
CA PRO B 21 -8.87 -19.18 34.31
C PRO B 21 -8.90 -19.58 35.79
N GLY B 22 -8.80 -18.56 36.65
CA GLY B 22 -9.03 -18.70 38.10
C GLY B 22 -10.38 -19.32 38.46
N GLY B 23 -11.41 -19.05 37.64
CA GLY B 23 -12.79 -19.54 37.89
C GLY B 23 -13.92 -18.69 37.29
N ARG B 24 -15.09 -18.71 37.94
CA ARG B 24 -16.32 -18.04 37.47
C ARG B 24 -16.89 -17.03 38.51
N GLN B 25 -17.92 -16.27 38.13
CA GLN B 25 -18.47 -15.17 38.95
C GLN B 25 -19.65 -14.48 38.27
N GLU B 26 -20.86 -14.66 38.81
CA GLU B 26 -22.01 -13.90 38.32
C GLU B 26 -21.80 -12.40 38.47
N MET B 27 -22.57 -11.63 37.70
CA MET B 27 -22.47 -10.17 37.70
C MET B 27 -23.69 -9.55 37.07
N ASP B 28 -24.02 -8.35 37.50
CA ASP B 28 -25.01 -7.59 36.78
C ASP B 28 -24.32 -6.60 35.86
N GLU B 29 -24.96 -6.39 34.72
CA GLU B 29 -24.48 -5.47 33.71
C GLU B 29 -25.60 -4.54 33.34
N HIS B 30 -25.22 -3.44 32.69
CA HIS B 30 -26.16 -2.47 32.19
C HIS B 30 -25.96 -2.38 30.71
N VAL B 31 -27.03 -2.61 29.97
CA VAL B 31 -26.99 -2.76 28.53
C VAL B 31 -27.83 -1.65 27.90
N ALA B 32 -27.21 -0.89 26.99
CA ALA B 32 -27.92 0.19 26.27
C ALA B 32 -29.15 -0.33 25.49
N ILE B 33 -30.26 0.41 25.53
CA ILE B 33 -31.46 0.08 24.76
C ILE B 33 -31.33 0.46 23.26
N GLU B 34 -31.47 -0.55 22.39
CA GLU B 34 -31.55 -0.32 20.96
C GLU B 34 -32.94 -0.74 20.51
N THR B 35 -33.67 0.18 19.88
CA THR B 35 -35.05 -0.11 19.52
C THR B 35 -35.42 0.55 18.21
N PRO B 36 -36.19 -0.13 17.35
CA PRO B 36 -36.54 0.50 16.07
C PRO B 36 -37.61 1.60 16.12
N TYR B 37 -37.40 2.65 15.33
CA TYR B 37 -38.37 3.72 15.11
C TYR B 37 -38.56 3.90 13.60
N ALA B 38 -39.80 4.04 13.15
CA ALA B 38 -40.13 4.50 11.81
C ALA B 38 -40.09 6.00 11.75
N ILE B 39 -39.58 6.58 10.65
CA ILE B 39 -39.66 8.03 10.50
C ILE B 39 -40.60 8.32 9.35
N ALA B 40 -41.66 9.06 9.64
CA ALA B 40 -42.57 9.42 8.57
C ALA B 40 -42.47 10.90 8.24
N LEU B 41 -42.70 11.19 6.99
CA LEU B 41 -42.76 12.57 6.52
C LEU B 41 -44.14 12.81 5.89
N ASN B 42 -44.89 13.78 6.42
CA ASN B 42 -46.25 14.04 5.94
C ASN B 42 -46.99 12.71 5.73
N ASP B 43 -46.87 11.85 6.74
CA ASP B 43 -47.64 10.62 6.90
C ASP B 43 -47.17 9.42 6.05
N ARG B 44 -46.16 9.61 5.19
CA ARG B 44 -45.47 8.47 4.56
C ARG B 44 -44.21 8.04 5.32
N VAL B 45 -44.16 6.77 5.71
CA VAL B 45 -42.95 6.20 6.29
C VAL B 45 -41.82 6.24 5.26
N ILE B 46 -40.77 6.97 5.59
CA ILE B 46 -39.65 7.17 4.69
C ILE B 46 -38.57 6.10 4.94
N GLY B 47 -38.56 5.55 6.15
CA GLY B 47 -37.47 4.71 6.60
C GLY B 47 -37.59 4.43 8.08
N SER B 48 -36.65 3.62 8.57
CA SER B 48 -36.65 3.09 9.91
C SER B 48 -35.21 3.07 10.37
N SER B 49 -35.02 3.20 11.68
CA SER B 49 -33.67 3.15 12.23
C SER B 49 -33.71 2.54 13.62
N MET B 50 -32.60 1.92 14.04
CA MET B 50 -32.40 1.47 15.40
C MET B 50 -31.77 2.63 16.17
N VAL B 51 -32.48 3.08 17.20
CA VAL B 51 -32.05 4.23 17.94
C VAL B 51 -31.92 3.99 19.47
N LEU B 52 -31.26 4.92 20.11
CA LEU B 52 -31.37 5.04 21.53
C LEU B 52 -32.54 6.03 21.69
N PRO B 53 -33.59 5.63 22.44
CA PRO B 53 -34.85 6.35 22.40
C PRO B 53 -34.90 7.63 23.25
N VAL B 54 -34.08 8.61 22.89
CA VAL B 54 -33.96 9.90 23.61
C VAL B 54 -33.76 10.92 22.47
N ASP B 55 -34.30 12.13 22.61
CA ASP B 55 -34.09 13.24 21.66
C ASP B 55 -34.60 12.88 20.27
N LEU B 56 -35.81 12.31 20.22
CA LEU B 56 -36.36 11.74 19.00
C LEU B 56 -36.97 12.74 18.03
N GLU B 57 -37.45 13.87 18.55
CA GLU B 57 -37.86 15.02 17.75
C GLU B 57 -36.68 15.50 16.90
N GLU B 58 -35.55 15.75 17.58
CA GLU B 58 -34.27 16.13 16.95
C GLU B 58 -33.86 15.08 15.92
N PHE B 59 -33.93 13.82 16.29
CA PHE B 59 -33.61 12.73 15.36
C PHE B 59 -34.46 12.72 14.05
N GLY B 60 -35.78 12.90 14.17
CA GLY B 60 -36.66 12.87 13.02
C GLY B 60 -36.28 13.93 12.03
N ALA B 61 -36.05 15.16 12.52
CA ALA B 61 -35.71 16.28 11.64
C ALA B 61 -34.32 16.11 11.01
N GLY B 62 -33.33 15.73 11.81
CA GLY B 62 -31.97 15.48 11.32
C GLY B 62 -31.87 14.26 10.41
N PHE B 63 -32.62 13.18 10.71
CA PHE B 63 -32.71 12.05 9.77
C PHE B 63 -33.17 12.49 8.39
N LEU B 64 -34.23 13.29 8.31
CA LEU B 64 -34.78 13.77 7.04
C LEU B 64 -33.89 14.78 6.30
N PHE B 65 -33.18 15.64 7.03
CA PHE B 65 -32.12 16.43 6.43
C PHE B 65 -31.01 15.53 5.85
N GLY B 66 -30.55 14.55 6.62
CA GLY B 66 -29.42 13.72 6.22
C GLY B 66 -29.76 12.93 4.96
N GLN B 67 -31.04 12.61 4.84
CA GLN B 67 -31.61 11.87 3.69
C GLN B 67 -31.92 12.76 2.48
N GLY B 68 -31.91 14.08 2.64
CA GLY B 68 -32.18 14.94 1.51
C GLY B 68 -33.62 15.42 1.37
N TYR B 69 -34.52 15.01 2.28
CA TYR B 69 -35.94 15.48 2.25
C TYR B 69 -36.18 16.91 2.69
N ILE B 70 -35.50 17.33 3.76
CA ILE B 70 -35.61 18.68 4.32
C ILE B 70 -34.32 19.44 3.98
N LYS B 71 -34.46 20.71 3.63
CA LYS B 71 -33.30 21.53 3.27
C LYS B 71 -33.06 22.72 4.21
N LYS B 72 -34.15 23.20 4.80
CA LYS B 72 -34.20 24.41 5.62
C LYS B 72 -35.02 24.12 6.88
N ALA B 73 -34.63 24.76 7.99
CA ALA B 73 -35.43 24.74 9.20
C ALA B 73 -36.87 25.29 9.03
N GLU B 74 -37.04 26.21 8.08
CA GLU B 74 -38.34 26.85 7.78
C GLU B 74 -39.37 25.91 7.22
N GLU B 75 -38.91 24.83 6.58
CA GLU B 75 -39.82 23.88 5.97
C GLU B 75 -40.59 23.08 7.02
N ILE B 76 -40.08 23.08 8.26
CA ILE B 76 -40.64 22.22 9.32
C ILE B 76 -41.81 22.89 10.02
N ARG B 77 -42.89 22.14 10.19
CA ARG B 77 -44.11 22.63 10.80
C ARG B 77 -44.40 22.02 12.16
N GLU B 78 -44.34 20.69 12.27
CA GLU B 78 -44.50 19.97 13.54
C GLU B 78 -43.99 18.56 13.47
N ILE B 79 -43.55 18.04 14.61
CA ILE B 79 -43.06 16.67 14.70
C ILE B 79 -43.81 16.03 15.87
N LEU B 80 -44.34 14.84 15.65
CA LEU B 80 -45.07 14.11 16.68
C LEU B 80 -44.34 12.84 16.98
N VAL B 81 -44.07 12.58 18.24
CA VAL B 81 -43.31 11.40 18.58
C VAL B 81 -44.24 10.43 19.28
N CYS B 82 -44.36 9.23 18.72
CA CYS B 82 -45.12 8.16 19.37
CA CYS B 82 -45.11 8.16 19.38
C CYS B 82 -44.15 7.15 19.95
N PRO B 83 -44.09 7.06 21.29
CA PRO B 83 -43.17 6.20 22.00
C PRO B 83 -43.29 4.70 21.70
N GLN B 84 -44.29 4.30 20.91
CA GLN B 84 -44.36 2.90 20.45
C GLN B 84 -43.69 2.74 19.08
N GLY B 85 -42.99 3.77 18.60
CA GLY B 85 -41.99 3.53 17.56
C GLY B 85 -42.15 4.32 16.29
N ARG B 86 -42.79 5.47 16.35
CA ARG B 86 -42.89 6.32 15.17
C ARG B 86 -42.67 7.77 15.46
N ILE B 87 -41.88 8.38 14.62
CA ILE B 87 -41.69 9.82 14.74
C ILE B 87 -42.27 10.37 13.48
N SER B 88 -43.23 11.27 13.61
CA SER B 88 -43.94 11.83 12.43
C SER B 88 -43.65 13.29 12.18
N VAL B 89 -43.00 13.56 11.06
CA VAL B 89 -42.55 14.90 10.76
C VAL B 89 -43.47 15.50 9.72
N TYR B 90 -43.87 16.75 9.96
CA TYR B 90 -44.69 17.53 9.06
C TYR B 90 -43.88 18.67 8.53
N ALA B 91 -43.73 18.67 7.20
CA ALA B 91 -42.89 19.62 6.53
C ALA B 91 -43.29 19.80 5.06
N ASP B 92 -43.09 20.99 4.53
CA ASP B 92 -43.26 21.19 3.09
C ASP B 92 -41.93 21.51 2.40
N LYS B 112 -27.44 4.38 4.95
CA LYS B 112 -28.28 5.04 3.95
C LYS B 112 -27.70 6.41 3.61
N ILE B 113 -27.01 6.49 2.47
CA ILE B 113 -26.43 7.75 1.99
C ILE B 113 -26.99 8.09 0.60
N PRO B 114 -27.53 9.33 0.44
CA PRO B 114 -27.98 9.77 -0.88
C PRO B 114 -26.79 10.05 -1.80
N LYS B 115 -27.03 10.04 -3.11
CA LYS B 115 -25.95 10.22 -4.07
C LYS B 115 -25.81 11.69 -4.48
N GLU B 116 -26.90 12.46 -4.33
CA GLU B 116 -26.90 13.88 -4.68
C GLU B 116 -26.13 14.71 -3.65
N MET B 117 -26.13 14.23 -2.40
CA MET B 117 -25.37 14.82 -1.29
C MET B 117 -23.86 14.71 -1.52
N LEU B 118 -23.41 13.53 -1.95
CA LEU B 118 -21.98 13.22 -2.05
C LEU B 118 -21.27 13.95 -3.21
N GLU B 119 -21.95 14.10 -4.35
CA GLU B 119 -21.38 14.80 -5.50
C GLU B 119 -22.30 15.93 -5.99
N PHE B 122 -20.94 22.45 -2.22
CA PHE B 122 -20.93 22.88 -0.80
C PHE B 122 -21.14 24.36 -0.68
N ALA B 123 -22.11 24.75 0.13
CA ALA B 123 -22.38 26.15 0.34
C ALA B 123 -21.40 26.58 1.39
N PRO B 124 -21.19 27.90 1.54
CA PRO B 124 -20.29 28.36 2.59
C PRO B 124 -20.64 27.83 3.99
N LEU B 125 -19.60 27.70 4.78
CA LEU B 125 -19.64 27.28 6.15
C LEU B 125 -19.64 28.51 7.08
N ALA B 126 -20.14 28.31 8.29
CA ALA B 126 -20.22 29.39 9.28
C ALA B 126 -18.80 29.82 9.61
N ASP B 127 -18.59 31.00 10.18
CA ASP B 127 -17.20 31.36 10.52
C ASP B 127 -16.71 31.29 11.94
N TYR B 128 -17.39 30.50 12.76
CA TYR B 128 -16.80 30.15 14.05
C TYR B 128 -15.32 29.68 13.94
N CYS B 129 -14.51 30.08 14.92
CA CYS B 129 -13.16 29.54 15.16
C CYS B 129 -13.01 29.19 16.63
N LEU B 130 -12.32 28.08 16.91
CA LEU B 130 -12.24 27.52 18.27
C LEU B 130 -10.94 27.88 19.01
N PRO B 131 -11.04 28.59 20.15
CA PRO B 131 -9.82 28.77 20.96
C PRO B 131 -9.25 27.44 21.48
N PHE B 132 -7.97 27.21 21.23
CA PHE B 132 -7.36 26.00 21.68
C PHE B 132 -7.58 25.65 23.18
N ALA B 133 -7.50 26.65 24.05
CA ALA B 133 -7.66 26.42 25.50
C ALA B 133 -9.05 25.92 25.86
N GLU B 134 -10.06 26.21 25.02
CA GLU B 134 -11.41 25.71 25.33
C GLU B 134 -11.62 24.22 24.98
N ILE B 135 -10.69 23.64 24.21
CA ILE B 135 -10.79 22.23 23.77
C ILE B 135 -10.95 21.29 24.95
N LYS B 136 -10.11 21.46 25.96
CA LYS B 136 -10.26 20.67 27.19
C LYS B 136 -11.63 20.87 27.84
N SER B 137 -12.16 22.10 27.84
CA SER B 137 -13.43 22.31 28.46
C SER B 137 -14.52 21.59 27.65
N PHE B 138 -14.43 21.67 26.33
CA PHE B 138 -15.40 21.07 25.38
C PHE B 138 -15.47 19.54 25.56
N ILE B 139 -14.32 18.88 25.48
CA ILE B 139 -14.20 17.43 25.68
C ILE B 139 -14.64 16.96 27.07
N ARG B 140 -14.10 17.60 28.12
CA ARG B 140 -14.55 17.30 29.48
C ARG B 140 -16.05 17.39 29.62
N GLU B 141 -16.61 18.52 29.24
CA GLU B 141 -18.06 18.66 29.30
C GLU B 141 -18.88 17.64 28.49
N ALA B 142 -18.48 17.40 27.25
CA ALA B 142 -19.14 16.37 26.45
C ALA B 142 -19.03 15.03 27.17
N LEU B 143 -17.80 14.64 27.49
CA LEU B 143 -17.54 13.34 28.09
C LEU B 143 -18.16 13.20 29.50
N HIS B 144 -18.35 14.30 30.22
CA HIS B 144 -18.99 14.24 31.55
C HIS B 144 -20.49 14.45 31.54
N SER B 145 -21.05 14.66 30.35
CA SER B 145 -22.44 15.09 30.21
C SER B 145 -23.48 14.00 30.54
N SER B 146 -23.13 12.75 30.27
CA SER B 146 -24.08 11.66 30.44
C SER B 146 -23.37 10.46 31.03
N PRO B 147 -24.06 9.70 31.89
CA PRO B 147 -23.41 8.50 32.40
C PRO B 147 -23.55 7.23 31.54
N LEU B 148 -24.30 7.27 30.44
CA LEU B 148 -24.59 6.08 29.62
C LEU B 148 -23.37 5.35 29.06
N GLY B 149 -22.41 6.11 28.57
CA GLY B 149 -21.20 5.54 28.01
C GLY B 149 -20.47 4.72 29.06
N PRO B 150 -20.06 5.37 30.16
CA PRO B 150 -19.49 4.65 31.29
C PRO B 150 -20.38 3.49 31.82
N GLN B 151 -21.70 3.64 31.90
CA GLN B 151 -22.53 2.49 32.29
C GLN B 151 -22.46 1.28 31.34
N THR B 152 -22.65 1.53 30.03
CA THR B 152 -23.02 0.50 29.05
C THR B 152 -21.97 0.24 27.97
N HIS B 153 -21.07 1.21 27.79
CA HIS B 153 -20.05 1.16 26.76
C HIS B 153 -20.66 0.96 25.36
N CYS B 154 -21.89 1.41 25.15
CA CYS B 154 -22.63 1.05 23.91
C CYS B 154 -23.27 2.23 23.17
N VAL B 155 -22.80 3.44 23.47
CA VAL B 155 -23.34 4.62 22.85
C VAL B 155 -22.26 5.57 22.39
N HIS B 156 -22.61 6.32 21.35
CA HIS B 156 -21.74 7.33 20.83
C HIS B 156 -22.33 8.65 21.28
N GLY B 157 -21.48 9.67 21.39
CA GLY B 157 -21.93 11.06 21.70
C GLY B 157 -21.57 12.03 20.60
N CYS B 158 -22.36 13.10 20.46
CA CYS B 158 -22.01 14.19 19.56
C CYS B 158 -22.51 15.51 20.19
N GLY B 159 -21.63 16.50 20.24
CA GLY B 159 -21.96 17.78 20.90
C GLY B 159 -21.58 18.96 20.03
N LEU B 160 -22.16 20.12 20.33
CA LEU B 160 -21.75 21.38 19.71
C LEU B 160 -21.28 22.39 20.75
N TRP B 161 -20.23 23.10 20.39
CA TRP B 161 -19.61 24.11 21.26
C TRP B 161 -19.55 25.45 20.57
N ASN B 162 -20.02 26.50 21.26
CA ASN B 162 -19.77 27.90 20.86
C ASN B 162 -19.95 28.77 22.11
N ASN B 163 -19.46 30.01 22.10
CA ASN B 163 -19.68 30.98 23.18
C ASN B 163 -19.22 30.39 24.50
N GLY B 164 -18.11 29.66 24.47
CA GLY B 164 -17.51 29.05 25.63
C GLY B 164 -18.35 28.05 26.40
N ARG B 165 -19.29 27.38 25.71
CA ARG B 165 -20.12 26.40 26.39
C ARG B 165 -20.71 25.36 25.44
N LEU B 166 -21.03 24.22 26.05
CA LEU B 166 -21.59 23.11 25.34
C LEU B 166 -23.04 23.39 25.12
N GLN B 167 -23.45 23.62 23.87
CA GLN B 167 -24.80 24.07 23.60
C GLN B 167 -25.77 22.92 23.57
N VAL B 168 -25.35 21.83 22.93
CA VAL B 168 -26.14 20.60 23.01
C VAL B 168 -25.24 19.41 22.96
N TYR B 169 -25.73 18.29 23.52
CA TYR B 169 -24.99 17.04 23.43
C TYR B 169 -25.95 15.89 23.33
N HIS B 170 -25.80 15.02 22.32
CA HIS B 170 -26.80 13.94 22.09
C HIS B 170 -26.09 12.61 22.01
N GLU B 171 -26.77 11.55 22.43
CA GLU B 171 -26.23 10.22 22.36
C GLU B 171 -27.12 9.25 21.58
N ASP B 172 -26.52 8.18 21.07
CA ASP B 172 -27.26 7.13 20.43
C ASP B 172 -26.43 5.89 20.32
N VAL B 173 -27.10 4.76 20.05
CA VAL B 173 -26.34 3.53 19.83
C VAL B 173 -25.54 3.60 18.47
N GLY B 174 -26.00 4.44 17.54
CA GLY B 174 -25.32 4.58 16.26
C GLY B 174 -24.75 5.95 16.08
N ARG B 175 -23.47 6.04 15.75
CA ARG B 175 -22.79 7.31 15.61
C ARG B 175 -23.48 8.22 14.57
N HIS B 176 -23.96 7.62 13.49
CA HIS B 176 -24.65 8.41 12.47
C HIS B 176 -25.89 9.07 13.07
N ASN B 177 -26.64 8.33 13.89
CA ASN B 177 -27.82 8.88 14.60
C ASN B 177 -27.54 9.98 15.60
N ALA B 178 -26.44 9.90 16.33
CA ALA B 178 -26.04 10.96 17.31
C ALA B 178 -25.81 12.24 16.56
N VAL B 179 -25.15 12.16 15.39
CA VAL B 179 -24.96 13.35 14.55
C VAL B 179 -26.27 13.88 14.00
N ASP B 180 -27.10 12.99 13.45
CA ASP B 180 -28.50 13.35 13.04
C ASP B 180 -29.28 14.13 14.09
N LYS B 181 -29.22 13.73 15.34
CA LYS B 181 -29.76 14.52 16.49
C LYS B 181 -29.17 15.92 16.65
N VAL B 182 -27.86 16.06 16.50
CA VAL B 182 -27.26 17.38 16.50
C VAL B 182 -27.79 18.22 15.33
N LEU B 183 -27.86 17.60 14.15
CA LEU B 183 -28.40 18.31 12.99
C LEU B 183 -29.81 18.78 13.31
N GLY B 184 -30.55 17.91 14.00
CA GLY B 184 -31.94 18.13 14.33
C GLY B 184 -32.12 19.31 15.26
N SER B 185 -31.28 19.42 16.28
CA SER B 185 -31.26 20.62 17.12
C SER B 185 -30.98 21.94 16.36
N ILE B 186 -30.04 21.88 15.43
CA ILE B 186 -29.76 23.08 14.68
C ILE B 186 -31.04 23.46 13.90
N LEU B 187 -31.66 22.47 13.27
CA LEU B 187 -32.81 22.67 12.42
C LEU B 187 -34.06 23.07 13.21
N LEU B 188 -34.07 22.77 14.50
CA LEU B 188 -35.23 23.08 15.37
C LEU B 188 -35.02 24.40 16.13
N GLY B 189 -33.94 25.10 15.82
CA GLY B 189 -33.70 26.42 16.41
C GLY B 189 -33.10 26.32 17.79
N ARG B 190 -32.71 25.10 18.15
CA ARG B 190 -32.16 24.78 19.49
C ARG B 190 -30.66 24.86 19.57
N ALA B 191 -30.00 25.05 18.44
CA ALA B 191 -28.52 25.16 18.46
C ALA B 191 -28.12 25.87 17.22
N SER B 192 -26.87 26.31 17.16
CA SER B 192 -26.36 27.05 16.03
C SER B 192 -25.34 26.22 15.26
N ASN B 193 -25.34 26.33 13.90
CA ASN B 193 -24.25 25.79 13.10
C ASN B 193 -22.96 26.60 13.27
N ASN B 194 -23.05 27.75 13.95
CA ASN B 194 -21.82 28.54 14.17
C ASN B 194 -21.02 28.04 15.40
N SER B 195 -20.44 26.84 15.23
CA SER B 195 -20.01 25.99 16.34
C SER B 195 -18.91 25.02 15.92
N ALA B 196 -18.25 24.39 16.88
CA ALA B 196 -17.39 23.25 16.58
C ALA B 196 -18.17 22.01 17.02
N VAL B 197 -18.07 20.91 16.26
CA VAL B 197 -18.76 19.66 16.60
C VAL B 197 -17.68 18.63 17.08
N TYR B 198 -17.98 17.89 18.14
CA TYR B 198 -17.15 16.82 18.61
C TYR B 198 -17.99 15.57 18.68
N THR B 199 -17.47 14.49 18.09
CA THR B 199 -18.05 13.15 18.26
C THR B 199 -17.03 12.14 18.78
N THR B 200 -17.55 11.11 19.47
CA THR B 200 -16.76 9.97 19.81
C THR B 200 -16.61 9.03 18.61
N GLY B 201 -17.41 9.21 17.54
CA GLY B 201 -17.25 8.32 16.38
C GLY B 201 -16.16 8.72 15.39
N ARG B 202 -15.80 7.77 14.52
CA ARG B 202 -14.89 8.00 13.40
C ARG B 202 -15.50 8.94 12.39
N LEU B 203 -14.65 9.76 11.77
CA LEU B 203 -15.13 10.74 10.75
C LEU B 203 -15.07 10.11 9.36
N THR B 204 -15.99 9.18 9.14
CA THR B 204 -16.14 8.54 7.84
C THR B 204 -17.01 9.44 6.96
N SER B 205 -17.30 9.00 5.73
CA SER B 205 -17.85 9.90 4.73
C SER B 205 -19.08 10.64 5.21
N ASP B 206 -20.08 9.88 5.68
CA ASP B 206 -21.43 10.37 5.98
C ASP B 206 -21.43 11.34 7.17
N MET B 207 -20.55 11.08 8.11
CA MET B 207 -20.41 11.93 9.28
C MET B 207 -19.96 13.31 8.84
N VAL B 208 -18.91 13.39 8.03
CA VAL B 208 -18.42 14.70 7.53
C VAL B 208 -19.47 15.38 6.59
N LEU B 209 -20.04 14.60 5.68
CA LEU B 209 -21.02 15.11 4.74
C LEU B 209 -22.16 15.83 5.44
N LYS B 210 -22.76 15.16 6.42
CA LYS B 210 -23.85 15.76 7.20
C LYS B 210 -23.49 17.10 7.82
N CYS B 211 -22.36 17.17 8.52
CA CYS B 211 -21.96 18.41 9.18
C CYS B 211 -21.61 19.53 8.22
N ALA B 212 -20.92 19.22 7.14
CA ALA B 212 -20.59 20.21 6.12
C ALA B 212 -21.86 20.69 5.39
N ARG B 213 -22.79 19.78 5.13
CA ARG B 213 -24.03 20.22 4.51
C ARG B 213 -24.80 21.21 5.37
N ILE B 214 -24.84 21.07 6.69
CA ILE B 214 -25.53 22.06 7.54
C ILE B 214 -24.71 23.31 7.86
N GLY B 215 -23.43 23.32 7.50
CA GLY B 215 -22.62 24.54 7.59
C GLY B 215 -21.64 24.63 8.74
N ILE B 216 -21.46 23.54 9.49
CA ILE B 216 -20.56 23.48 10.65
C ILE B 216 -19.13 23.50 10.13
N PRO B 217 -18.32 24.51 10.56
CA PRO B 217 -16.92 24.73 10.06
C PRO B 217 -15.80 23.91 10.69
N ILE B 218 -16.02 23.37 11.87
CA ILE B 218 -15.03 22.63 12.60
C ILE B 218 -15.65 21.34 13.03
N ILE B 219 -15.02 20.24 12.62
CA ILE B 219 -15.56 18.90 12.82
C ILE B 219 -14.51 18.04 13.51
N MET B 220 -14.79 17.62 14.75
CA MET B 220 -13.76 16.95 15.57
C MET B 220 -14.26 15.58 16.03
N SER B 221 -13.31 14.66 16.22
CA SER B 221 -13.56 13.34 16.72
C SER B 221 -12.50 12.96 17.78
N ARG B 222 -12.88 12.09 18.71
CA ARG B 222 -11.91 11.44 19.63
C ARG B 222 -10.98 10.49 18.86
N THR B 223 -11.43 10.06 17.68
CA THR B 223 -10.73 9.00 16.93
C THR B 223 -10.43 9.42 15.48
N SER B 224 -10.41 8.48 14.54
CA SER B 224 -9.79 8.67 13.23
C SER B 224 -10.76 9.10 12.13
N PRO B 225 -10.24 9.67 11.02
CA PRO B 225 -10.96 9.92 9.78
C PRO B 225 -10.77 8.78 8.77
N SER B 226 -11.65 8.65 7.79
CA SER B 226 -11.38 7.75 6.66
C SER B 226 -10.94 8.66 5.53
N SER B 227 -10.54 8.06 4.42
CA SER B 227 -10.05 8.83 3.31
C SER B 227 -11.14 9.71 2.68
N LEU B 228 -12.34 9.16 2.55
CA LEU B 228 -13.51 9.88 2.02
C LEU B 228 -14.00 11.00 2.96
N GLY B 229 -14.02 10.74 4.26
CA GLY B 229 -14.23 11.78 5.29
C GLY B 229 -13.29 12.97 5.09
N LEU B 230 -12.01 12.66 4.94
CA LEU B 230 -10.99 13.65 4.71
C LEU B 230 -11.19 14.34 3.35
N ALA B 231 -11.37 13.58 2.26
CA ALA B 231 -11.77 14.19 0.98
C ALA B 231 -12.92 15.24 1.10
N LEU B 232 -13.98 14.89 1.82
CA LEU B 232 -15.13 15.78 1.98
C LEU B 232 -14.81 17.07 2.72
N ALA B 233 -14.06 16.95 3.80
CA ALA B 233 -13.53 18.09 4.53
C ALA B 233 -12.72 18.97 3.60
N LYS B 234 -11.79 18.40 2.83
CA LYS B 234 -11.00 19.20 1.87
C LYS B 234 -11.86 19.98 0.88
N ARG B 235 -12.84 19.31 0.31
CA ARG B 235 -13.80 19.91 -0.62
C ARG B 235 -14.66 21.01 0.00
N SER B 236 -15.15 20.79 1.21
CA SER B 236 -15.99 21.77 1.87
C SER B 236 -15.14 22.89 2.46
N GLY B 237 -13.83 22.69 2.62
CA GLY B 237 -13.02 23.63 3.40
C GLY B 237 -13.15 23.51 4.91
N ALA B 238 -13.83 22.48 5.41
CA ALA B 238 -14.09 22.36 6.84
C ALA B 238 -12.83 21.95 7.60
N THR B 239 -12.67 22.48 8.80
CA THR B 239 -11.57 22.09 9.65
C THR B 239 -11.89 20.69 10.15
N LEU B 240 -10.96 19.74 9.93
CA LEU B 240 -11.15 18.37 10.37
C LEU B 240 -10.09 18.05 11.42
N VAL B 241 -10.54 17.67 12.60
CA VAL B 241 -9.65 17.41 13.72
C VAL B 241 -9.86 15.98 14.20
N ALA B 242 -8.78 15.20 14.30
CA ALA B 242 -8.86 13.82 14.77
C ALA B 242 -8.03 13.54 16.01
N TYR B 243 -8.27 12.38 16.63
CA TYR B 243 -7.52 11.97 17.83
C TYR B 243 -7.54 13.07 18.89
N SER B 244 -8.71 13.71 19.07
CA SER B 244 -8.83 14.87 19.93
C SER B 244 -8.65 14.52 21.41
N ARG B 245 -7.69 15.19 22.06
CA ARG B 245 -7.52 15.11 23.52
C ARG B 245 -7.59 16.52 24.09
N PRO B 246 -7.87 16.65 25.41
CA PRO B 246 -7.81 17.92 26.13
C PRO B 246 -6.70 18.88 25.68
N GLU B 247 -5.48 18.38 25.50
CA GLU B 247 -4.35 19.22 25.18
C GLU B 247 -3.51 18.80 24.00
N ARG B 248 -4.13 18.09 23.04
CA ARG B 248 -3.44 17.59 21.84
C ARG B 248 -4.51 17.25 20.81
N ILE B 249 -4.39 17.82 19.62
CA ILE B 249 -5.32 17.50 18.52
C ILE B 249 -4.47 17.29 17.28
N ASN B 250 -4.96 16.47 16.34
CA ASN B 250 -4.35 16.28 15.01
C ASN B 250 -5.27 16.85 13.96
N VAL B 251 -4.88 17.99 13.40
CA VAL B 251 -5.67 18.66 12.39
C VAL B 251 -5.21 18.17 11.01
N PHE B 252 -6.19 17.69 10.21
CA PHE B 252 -5.99 17.13 8.87
C PHE B 252 -6.44 18.12 7.79
N ASN B 253 -7.19 19.16 8.21
CA ASN B 253 -7.49 20.23 7.26
C ASN B 253 -7.75 21.53 7.97
N ALA B 254 -7.38 22.64 7.31
CA ALA B 254 -7.72 24.01 7.77
C ALA B 254 -7.47 24.32 9.24
N PRO B 255 -6.19 24.17 9.67
CA PRO B 255 -5.78 24.46 11.04
C PRO B 255 -5.97 25.90 11.51
N GLU B 256 -6.24 26.85 10.60
CA GLU B 256 -6.33 28.31 10.97
C GLU B 256 -7.53 28.61 11.88
N ARG B 257 -8.48 27.67 11.91
CA ARG B 257 -9.73 27.89 12.62
C ARG B 257 -9.49 27.50 14.07
N ILE B 258 -8.31 26.93 14.34
CA ILE B 258 -7.89 26.67 15.71
C ILE B 258 -7.03 27.88 16.20
N LEU B 259 -7.54 28.61 17.19
CA LEU B 259 -6.89 29.86 17.60
C LEU B 259 -5.78 29.63 18.62
N PRO C 9 31.35 -5.79 -33.64
CA PRO C 9 31.94 -4.69 -32.85
C PRO C 9 31.15 -4.51 -31.55
N LEU C 10 31.81 -4.65 -30.40
CA LEU C 10 31.08 -4.56 -29.12
C LEU C 10 31.41 -3.31 -28.33
N SER C 11 32.37 -2.53 -28.83
CA SER C 11 32.70 -1.26 -28.24
C SER C 11 33.14 -0.29 -29.33
N ILE C 12 33.37 0.97 -28.95
CA ILE C 12 33.82 2.03 -29.86
C ILE C 12 34.73 2.96 -29.09
N MET C 13 35.64 3.63 -29.78
CA MET C 13 36.49 4.58 -29.09
C MET C 13 35.90 5.96 -29.19
N GLN C 14 36.11 6.73 -28.13
CA GLN C 14 35.46 8.02 -28.02
C GLN C 14 36.42 8.85 -27.28
N LYS C 15 36.68 10.02 -27.85
CA LYS C 15 37.57 10.99 -27.26
C LYS C 15 36.98 11.63 -26.00
N SER C 16 37.82 11.86 -24.99
CA SER C 16 37.38 12.57 -23.81
C SER C 16 38.51 13.48 -23.31
N VAL C 17 38.21 14.28 -22.30
CA VAL C 17 39.20 15.12 -21.65
C VAL C 17 39.20 14.84 -20.18
N VAL C 18 40.36 14.47 -19.63
CA VAL C 18 40.48 14.44 -18.18
C VAL C 18 40.82 15.81 -17.61
N ILE C 19 39.94 16.29 -16.75
CA ILE C 19 40.13 17.57 -16.07
C ILE C 19 40.57 17.29 -14.66
N ARG C 20 41.75 17.83 -14.34
CA ARG C 20 42.31 17.86 -13.01
C ARG C 20 42.46 19.32 -12.62
N PRO C 21 42.78 19.61 -11.34
CA PRO C 21 42.88 20.99 -10.83
C PRO C 21 43.41 22.15 -11.75
N GLY C 22 44.69 22.19 -12.10
CA GLY C 22 45.56 21.04 -12.18
C GLY C 22 46.03 21.15 -13.61
N GLY C 23 45.14 20.79 -14.52
CA GLY C 23 45.45 20.75 -15.94
C GLY C 23 44.46 19.82 -16.59
N ARG C 24 44.71 19.48 -17.85
CA ARG C 24 43.68 18.91 -18.69
C ARG C 24 44.32 18.12 -19.84
N GLN C 25 43.92 16.87 -20.01
CA GLN C 25 44.48 16.10 -21.12
C GLN C 25 43.49 15.28 -21.92
N GLU C 26 43.70 15.33 -23.23
CA GLU C 26 42.91 14.60 -24.18
C GLU C 26 43.13 13.11 -23.87
N MET C 27 42.05 12.33 -23.98
CA MET C 27 42.07 10.89 -23.72
C MET C 27 41.19 10.20 -24.73
N ASP C 28 41.46 8.94 -24.98
CA ASP C 28 40.64 8.16 -25.91
C ASP C 28 40.18 6.93 -25.13
N GLU C 29 38.89 6.62 -25.23
CA GLU C 29 38.30 5.61 -24.34
C GLU C 29 37.46 4.63 -25.12
N HIS C 30 37.50 3.37 -24.72
CA HIS C 30 36.59 2.36 -25.29
C HIS C 30 35.26 2.47 -24.57
N VAL C 31 34.17 2.38 -25.31
CA VAL C 31 32.83 2.55 -24.79
C VAL C 31 31.90 1.43 -25.30
N ALA C 32 31.24 0.74 -24.36
CA ALA C 32 30.45 -0.42 -24.69
C ALA C 32 29.29 -0.02 -25.53
N ILE C 33 28.95 -0.87 -26.51
CA ILE C 33 27.84 -0.60 -27.38
C ILE C 33 26.56 -1.13 -26.75
N GLU C 34 25.53 -0.28 -26.70
CA GLU C 34 24.20 -0.65 -26.19
C GLU C 34 23.24 -0.38 -27.33
N THR C 35 22.52 -1.40 -27.76
CA THR C 35 21.61 -1.23 -28.90
C THR C 35 20.31 -1.98 -28.75
N PRO C 36 19.16 -1.39 -29.17
CA PRO C 36 17.89 -2.13 -29.05
C PRO C 36 17.70 -3.29 -30.05
N TYR C 37 16.98 -4.33 -29.62
CA TYR C 37 16.61 -5.47 -30.49
C TYR C 37 15.16 -5.88 -30.23
N ALA C 38 14.43 -6.23 -31.28
CA ALA C 38 13.11 -6.82 -31.09
C ALA C 38 13.31 -8.26 -30.72
N ILE C 39 12.38 -8.82 -29.97
CA ILE C 39 12.36 -10.25 -29.81
C ILE C 39 11.01 -10.70 -30.27
N ALA C 40 11.02 -11.55 -31.29
CA ALA C 40 9.79 -12.07 -31.87
C ALA C 40 9.63 -13.55 -31.59
N LEU C 41 8.42 -13.91 -31.22
CA LEU C 41 8.01 -15.29 -31.08
C LEU C 41 6.75 -15.53 -31.91
N ASN C 42 6.77 -16.57 -32.72
CA ASN C 42 5.62 -16.92 -33.56
C ASN C 42 5.13 -15.74 -34.44
N ASP C 43 6.10 -14.93 -34.89
CA ASP C 43 5.90 -13.78 -35.77
C ASP C 43 5.03 -12.66 -35.17
N ARG C 44 5.04 -12.61 -33.85
CA ARG C 44 4.65 -11.41 -33.14
C ARG C 44 5.89 -10.89 -32.42
N VAL C 45 5.99 -9.57 -32.32
CA VAL C 45 7.03 -8.89 -31.57
C VAL C 45 6.54 -8.75 -30.13
N ILE C 46 7.23 -9.45 -29.24
CA ILE C 46 6.84 -9.63 -27.84
C ILE C 46 7.34 -8.50 -26.96
N GLY C 47 8.58 -8.09 -27.21
CA GLY C 47 9.22 -7.02 -26.48
C GLY C 47 10.46 -6.56 -27.22
N SER C 48 11.09 -5.53 -26.65
CA SER C 48 12.33 -4.98 -27.15
C SER C 48 13.26 -4.72 -25.97
N SER C 49 14.54 -4.97 -26.15
CA SER C 49 15.48 -4.73 -25.08
C SER C 49 16.75 -4.11 -25.61
N MET C 50 17.36 -3.28 -24.74
CA MET C 50 18.73 -2.77 -24.92
C MET C 50 19.74 -3.85 -24.54
N VAL C 51 20.66 -4.13 -25.45
CA VAL C 51 21.52 -5.30 -25.36
C VAL C 51 22.93 -4.93 -25.80
N LEU C 52 23.93 -5.67 -25.30
CA LEU C 52 25.25 -5.75 -25.91
C LEU C 52 25.06 -6.76 -27.03
N PRO C 53 25.35 -6.37 -28.29
CA PRO C 53 24.88 -7.18 -29.41
C PRO C 53 25.65 -8.50 -29.66
N VAL C 54 25.71 -9.37 -28.64
CA VAL C 54 26.44 -10.63 -28.76
C VAL C 54 25.67 -11.74 -28.05
N ASP C 55 25.80 -12.97 -28.54
CA ASP C 55 25.08 -14.14 -27.98
C ASP C 55 23.58 -13.95 -27.97
N LEU C 56 23.09 -13.44 -29.09
CA LEU C 56 21.71 -13.03 -29.20
C LEU C 56 20.77 -14.18 -29.38
N GLU C 57 21.25 -15.30 -29.93
CA GLU C 57 20.41 -16.53 -29.97
C GLU C 57 20.07 -16.92 -28.54
N GLU C 58 21.09 -17.02 -27.69
CA GLU C 58 20.90 -17.33 -26.28
C GLU C 58 19.94 -16.35 -25.62
N PHE C 59 20.14 -15.07 -25.89
CA PHE C 59 19.30 -14.03 -25.33
C PHE C 59 17.84 -14.25 -25.69
N GLY C 60 17.55 -14.59 -26.96
CA GLY C 60 16.16 -14.65 -27.40
C GLY C 60 15.43 -15.71 -26.58
N ALA C 61 16.07 -16.86 -26.44
CA ALA C 61 15.50 -17.99 -25.70
C ALA C 61 15.33 -17.66 -24.20
N GLY C 62 16.41 -17.18 -23.57
CA GLY C 62 16.36 -16.77 -22.15
C GLY C 62 15.34 -15.70 -21.88
N PHE C 63 15.25 -14.72 -22.77
CA PHE C 63 14.33 -13.62 -22.59
C PHE C 63 12.90 -14.12 -22.52
N LEU C 64 12.49 -14.92 -23.51
CA LEU C 64 11.11 -15.45 -23.51
C LEU C 64 10.87 -16.42 -22.33
N PHE C 65 11.82 -17.31 -22.05
CA PHE C 65 11.75 -18.10 -20.83
C PHE C 65 11.41 -17.15 -19.68
N GLY C 66 12.25 -16.12 -19.51
CA GLY C 66 12.10 -15.12 -18.44
C GLY C 66 10.76 -14.44 -18.33
N GLN C 67 10.21 -14.06 -19.48
CA GLN C 67 8.89 -13.40 -19.54
C GLN C 67 7.71 -14.39 -19.46
N GLY C 68 8.02 -15.67 -19.31
CA GLY C 68 7.01 -16.69 -19.08
C GLY C 68 6.38 -17.36 -20.29
N TYR C 69 6.94 -17.13 -21.48
CA TYR C 69 6.42 -17.75 -22.69
C TYR C 69 6.86 -19.20 -22.83
N ILE C 70 8.16 -19.39 -23.04
CA ILE C 70 8.79 -20.70 -23.07
C ILE C 70 9.01 -21.25 -21.65
N LYS C 71 8.79 -22.56 -21.50
CA LYS C 71 9.04 -23.27 -20.26
C LYS C 71 10.01 -24.42 -20.48
N LYS C 72 9.99 -25.00 -21.68
CA LYS C 72 10.78 -26.19 -21.96
C LYS C 72 11.80 -25.92 -23.04
N ALA C 73 12.99 -26.50 -22.91
CA ALA C 73 13.96 -26.49 -23.99
C ALA C 73 13.38 -27.17 -25.24
N GLU C 74 12.41 -28.05 -25.01
CA GLU C 74 11.81 -28.84 -26.08
C GLU C 74 10.83 -28.02 -26.95
N GLU C 75 10.13 -27.07 -26.32
CA GLU C 75 9.11 -26.25 -27.00
C GLU C 75 9.63 -25.49 -28.23
N ILE C 76 10.88 -25.01 -28.15
CA ILE C 76 11.46 -24.11 -29.14
C ILE C 76 11.76 -24.78 -30.47
N ARG C 77 11.13 -24.28 -31.55
CA ARG C 77 11.49 -24.65 -32.93
C ARG C 77 12.94 -24.25 -33.14
N GLU C 78 13.17 -22.99 -33.52
CA GLU C 78 14.54 -22.45 -33.55
C GLU C 78 14.65 -20.91 -33.71
N ILE C 79 15.87 -20.40 -33.60
CA ILE C 79 16.11 -18.98 -33.37
C ILE C 79 16.94 -18.30 -34.45
N LEU C 80 16.33 -17.29 -35.09
CA LEU C 80 16.99 -16.48 -36.11
C LEU C 80 17.27 -15.06 -35.62
N VAL C 81 18.52 -14.64 -35.84
CA VAL C 81 19.00 -13.30 -35.47
C VAL C 81 19.28 -12.43 -36.71
N CYS C 82 18.35 -11.51 -36.99
CA CYS C 82 18.51 -10.48 -38.01
C CYS C 82 19.26 -9.27 -37.44
N PRO C 83 20.50 -9.02 -37.94
CA PRO C 83 21.36 -7.92 -37.48
C PRO C 83 20.74 -6.53 -37.68
N GLN C 84 19.61 -6.49 -38.37
CA GLN C 84 18.85 -5.26 -38.57
C GLN C 84 18.20 -4.79 -37.25
N GLY C 85 18.25 -5.64 -36.22
CA GLY C 85 17.65 -5.34 -34.92
C GLY C 85 16.56 -6.30 -34.48
N ARG C 86 16.78 -7.60 -34.72
CA ARG C 86 15.70 -8.57 -34.50
C ARG C 86 16.16 -9.96 -34.13
N ILE C 87 15.52 -10.50 -33.10
CA ILE C 87 15.68 -11.89 -32.74
C ILE C 87 14.31 -12.57 -32.92
N SER C 88 14.30 -13.58 -33.76
CA SER C 88 13.07 -14.23 -34.17
C SER C 88 13.01 -15.65 -33.60
N VAL C 89 11.95 -15.94 -32.86
CA VAL C 89 11.75 -17.27 -32.26
C VAL C 89 10.36 -17.81 -32.65
N TYR C 90 10.25 -19.13 -32.74
CA TYR C 90 8.97 -19.79 -32.96
C TYR C 90 8.88 -21.01 -32.04
N ALA C 91 7.69 -21.27 -31.48
CA ALA C 91 7.52 -22.37 -30.52
C ALA C 91 6.10 -22.95 -30.47
N PHE C 122 7.90 -23.62 -6.51
CA PHE C 122 9.18 -24.05 -7.11
C PHE C 122 9.28 -25.56 -7.23
N ALA C 123 9.53 -26.03 -8.46
CA ALA C 123 9.93 -27.41 -8.71
C ALA C 123 11.36 -27.56 -8.18
N PRO C 124 11.80 -28.80 -7.81
CA PRO C 124 13.14 -28.99 -7.22
C PRO C 124 14.31 -28.50 -8.11
N LEU C 125 15.44 -28.25 -7.45
CA LEU C 125 16.65 -27.80 -8.14
C LEU C 125 17.54 -29.00 -8.49
N ALA C 126 18.47 -28.80 -9.43
CA ALA C 126 19.46 -29.82 -9.81
C ALA C 126 20.34 -30.22 -8.62
N ASP C 127 21.18 -31.26 -8.79
CA ASP C 127 21.92 -31.92 -7.70
C ASP C 127 23.37 -31.49 -7.49
N TYR C 128 23.88 -30.59 -8.33
CA TYR C 128 25.29 -30.16 -8.26
C TYR C 128 25.68 -29.56 -6.92
N CYS C 129 26.86 -29.93 -6.44
CA CYS C 129 27.52 -29.24 -5.32
C CYS C 129 28.88 -28.77 -5.77
N LEU C 130 29.40 -27.71 -5.14
CA LEU C 130 30.54 -26.99 -5.64
C LEU C 130 31.72 -27.06 -4.66
N PRO C 131 32.86 -27.59 -5.10
CA PRO C 131 34.03 -27.71 -4.26
C PRO C 131 34.56 -26.34 -3.96
N PHE C 132 34.81 -26.03 -2.70
CA PHE C 132 35.29 -24.71 -2.40
C PHE C 132 36.53 -24.37 -3.25
N ALA C 133 37.39 -25.35 -3.49
CA ALA C 133 38.73 -25.07 -3.99
C ALA C 133 38.72 -24.66 -5.45
N GLU C 134 37.60 -24.96 -6.10
CA GLU C 134 37.34 -24.60 -7.49
C GLU C 134 36.72 -23.22 -7.70
N ILE C 135 36.11 -22.63 -6.67
CA ILE C 135 35.66 -21.22 -6.72
C ILE C 135 36.72 -20.27 -7.33
N LYS C 136 38.00 -20.40 -6.96
CA LYS C 136 39.07 -19.53 -7.47
C LYS C 136 39.38 -19.71 -8.94
N SER C 137 39.19 -20.93 -9.46
CA SER C 137 39.30 -21.16 -10.90
C SER C 137 38.05 -20.63 -11.62
N PHE C 138 36.88 -20.86 -11.03
CA PHE C 138 35.61 -20.33 -11.57
C PHE C 138 35.73 -18.81 -11.75
N ILE C 139 35.96 -18.12 -10.65
CA ILE C 139 36.11 -16.66 -10.65
C ILE C 139 37.20 -16.17 -11.63
N ARG C 140 38.42 -16.72 -11.51
CA ARG C 140 39.51 -16.37 -12.40
C ARG C 140 39.13 -16.60 -13.86
N GLU C 141 38.63 -17.78 -14.24
CA GLU C 141 38.17 -17.97 -15.64
C GLU C 141 36.98 -17.08 -16.10
N ALA C 142 36.03 -16.82 -15.21
CA ALA C 142 34.98 -15.85 -15.53
C ALA C 142 35.59 -14.49 -15.89
N LEU C 143 36.30 -13.87 -14.97
CA LEU C 143 36.75 -12.50 -15.16
C LEU C 143 37.86 -12.29 -16.23
N HIS C 144 38.40 -13.37 -16.79
CA HIS C 144 39.44 -13.26 -17.81
C HIS C 144 38.93 -13.78 -19.14
N SER C 145 37.65 -14.08 -19.18
CA SER C 145 37.09 -14.60 -20.40
C SER C 145 36.93 -13.48 -21.44
N SER C 146 36.72 -12.24 -20.99
CA SER C 146 36.49 -11.16 -21.91
C SER C 146 37.27 -9.92 -21.51
N PRO C 147 37.71 -9.15 -22.54
CA PRO C 147 38.32 -7.86 -22.31
C PRO C 147 37.30 -6.72 -22.11
N LEU C 148 36.03 -6.92 -22.49
CA LEU C 148 35.05 -5.84 -22.44
C LEU C 148 34.96 -5.12 -21.12
N GLY C 149 34.92 -5.87 -20.03
CA GLY C 149 34.82 -5.30 -18.70
C GLY C 149 35.98 -4.37 -18.36
N PRO C 150 37.21 -4.90 -18.37
CA PRO C 150 38.41 -4.05 -18.20
C PRO C 150 38.55 -2.86 -19.20
N GLN C 151 38.00 -2.99 -20.42
CA GLN C 151 38.10 -1.95 -21.45
C GLN C 151 37.02 -0.85 -21.26
N THR C 152 35.77 -1.27 -21.11
CA THR C 152 34.63 -0.38 -21.21
C THR C 152 34.02 -0.01 -19.88
N HIS C 153 34.33 -0.80 -18.85
CA HIS C 153 33.71 -0.77 -17.51
C HIS C 153 32.16 -0.71 -17.53
N CYS C 154 31.54 -1.24 -18.57
CA CYS C 154 30.09 -1.06 -18.75
C CYS C 154 29.34 -2.32 -19.10
N VAL C 155 29.86 -3.47 -18.69
CA VAL C 155 29.23 -4.73 -18.98
C VAL C 155 29.11 -5.59 -17.74
N HIS C 156 28.01 -6.34 -17.61
CA HIS C 156 27.96 -7.36 -16.56
C HIS C 156 28.22 -8.70 -17.20
N GLY C 157 28.67 -9.64 -16.39
CA GLY C 157 29.00 -10.98 -16.89
C GLY C 157 28.27 -12.02 -16.05
N CYS C 158 27.88 -13.13 -16.69
CA CYS C 158 27.27 -14.28 -16.00
C CYS C 158 27.81 -15.55 -16.62
N GLY C 159 28.09 -16.53 -15.78
CA GLY C 159 28.74 -17.76 -16.21
C GLY C 159 28.27 -18.99 -15.47
N LEU C 160 28.42 -20.18 -16.08
CA LEU C 160 28.09 -21.47 -15.42
C LEU C 160 29.30 -22.39 -15.28
N TRP C 161 29.46 -22.95 -14.08
CA TRP C 161 30.51 -23.88 -13.78
C TRP C 161 29.98 -25.29 -13.45
N ASN C 162 30.47 -26.31 -14.16
CA ASN C 162 30.40 -27.69 -13.65
C ASN C 162 31.59 -28.51 -14.24
N ASN C 163 31.97 -29.61 -13.57
CA ASN C 163 32.94 -30.59 -14.09
C ASN C 163 34.29 -29.94 -14.17
N GLY C 164 34.58 -29.13 -13.15
CA GLY C 164 35.79 -28.36 -13.07
C GLY C 164 36.02 -27.41 -14.22
N ARG C 165 34.96 -26.87 -14.81
CA ARG C 165 35.13 -26.17 -16.07
C ARG C 165 34.11 -25.04 -16.27
N LEU C 166 34.55 -23.90 -16.84
CA LEU C 166 33.63 -22.81 -17.18
C LEU C 166 32.99 -23.21 -18.48
N GLN C 167 31.70 -23.57 -18.42
CA GLN C 167 31.00 -24.09 -19.57
C GLN C 167 30.55 -23.02 -20.57
N VAL C 168 29.99 -21.94 -20.02
CA VAL C 168 29.58 -20.78 -20.79
C VAL C 168 29.79 -19.53 -19.94
N TYR C 169 30.04 -18.43 -20.63
CA TYR C 169 30.11 -17.13 -20.02
C TYR C 169 29.57 -16.06 -20.98
N HIS C 170 28.69 -15.19 -20.49
CA HIS C 170 28.02 -14.20 -21.32
C HIS C 170 28.12 -12.85 -20.65
N GLU C 171 28.26 -11.82 -21.46
CA GLU C 171 28.24 -10.45 -20.99
C GLU C 171 27.11 -9.70 -21.61
N ASP C 172 26.65 -8.63 -20.94
CA ASP C 172 25.73 -7.65 -21.54
C ASP C 172 25.87 -6.34 -20.79
N VAL C 173 25.27 -5.28 -21.35
CA VAL C 173 25.27 -4.00 -20.63
C VAL C 173 24.37 -4.09 -19.37
N GLY C 174 23.32 -4.91 -19.41
CA GLY C 174 22.38 -5.11 -18.29
C GLY C 174 22.59 -6.44 -17.64
N ARG C 175 22.54 -6.50 -16.31
CA ARG C 175 22.80 -7.80 -15.65
C ARG C 175 21.67 -8.82 -15.85
N HIS C 176 20.44 -8.35 -16.06
CA HIS C 176 19.30 -9.26 -16.32
C HIS C 176 19.44 -9.95 -17.65
N ASN C 177 19.89 -9.19 -18.64
CA ASN C 177 20.16 -9.73 -19.97
C ASN C 177 21.24 -10.79 -20.01
N ALA C 178 22.31 -10.56 -19.24
CA ALA C 178 23.43 -11.50 -19.14
C ALA C 178 22.97 -12.84 -18.56
N VAL C 179 22.04 -12.77 -17.60
CA VAL C 179 21.52 -13.98 -16.99
C VAL C 179 20.62 -14.66 -18.02
N ASP C 180 19.81 -13.87 -18.72
CA ASP C 180 18.92 -14.34 -19.81
C ASP C 180 19.72 -15.11 -20.84
N LYS C 181 20.94 -14.67 -21.10
CA LYS C 181 21.84 -15.35 -22.06
C LYS C 181 22.28 -16.70 -21.55
N VAL C 182 22.65 -16.74 -20.27
CA VAL C 182 22.90 -18.00 -19.58
C VAL C 182 21.69 -18.98 -19.59
N LEU C 183 20.49 -18.50 -19.25
CA LEU C 183 19.30 -19.31 -19.36
C LEU C 183 19.11 -19.82 -20.80
N GLY C 184 19.38 -18.97 -21.78
CA GLY C 184 19.28 -19.34 -23.19
C GLY C 184 20.23 -20.48 -23.50
N SER C 185 21.45 -20.41 -22.97
CA SER C 185 22.39 -21.49 -23.15
C SER C 185 21.89 -22.85 -22.66
N ILE C 186 21.30 -22.88 -21.47
CA ILE C 186 20.76 -24.09 -20.94
C ILE C 186 19.67 -24.58 -21.86
N LEU C 187 18.74 -23.70 -22.17
CA LEU C 187 17.59 -24.06 -22.94
C LEU C 187 17.94 -24.62 -24.33
N LEU C 188 19.05 -24.18 -24.92
CA LEU C 188 19.40 -24.63 -26.27
C LEU C 188 20.33 -25.83 -26.18
N GLY C 189 20.40 -26.42 -24.99
CA GLY C 189 21.23 -27.58 -24.71
C GLY C 189 22.70 -27.28 -24.81
N ARG C 190 23.09 -26.02 -24.72
CA ARG C 190 24.52 -25.68 -24.78
C ARG C 190 25.17 -25.62 -23.40
N ALA C 191 24.35 -25.71 -22.34
CA ALA C 191 24.88 -25.71 -20.96
C ALA C 191 23.93 -26.50 -20.10
N SER C 192 24.39 -26.93 -18.94
CA SER C 192 23.53 -27.69 -18.01
C SER C 192 23.10 -26.83 -16.84
N ASN C 193 21.87 -26.99 -16.35
CA ASN C 193 21.43 -26.33 -15.09
C ASN C 193 22.03 -26.99 -13.85
N ASN C 194 22.68 -28.13 -14.06
CA ASN C 194 23.38 -28.82 -12.98
C ASN C 194 24.77 -28.20 -12.78
N SER C 195 24.73 -26.93 -12.36
CA SER C 195 25.90 -26.07 -12.34
C SER C 195 25.75 -25.06 -11.24
N ALA C 196 26.82 -24.33 -10.97
CA ALA C 196 26.79 -23.09 -10.19
C ALA C 196 26.84 -21.94 -11.17
N VAL C 197 26.06 -20.90 -10.88
CA VAL C 197 26.07 -19.68 -11.66
C VAL C 197 26.87 -18.61 -10.90
N TYR C 198 27.70 -17.85 -11.62
CA TYR C 198 28.34 -16.72 -10.98
C TYR C 198 28.07 -15.46 -11.78
N THR C 199 27.74 -14.38 -11.09
CA THR C 199 27.47 -13.12 -11.78
C THR C 199 28.23 -11.96 -11.13
N THR C 200 28.58 -10.98 -11.96
CA THR C 200 29.06 -9.73 -11.43
C THR C 200 27.89 -8.85 -10.96
N GLY C 201 26.65 -9.16 -11.31
CA GLY C 201 25.51 -8.37 -10.86
C GLY C 201 25.09 -8.70 -9.41
N ARG C 202 24.39 -7.75 -8.80
CA ARG C 202 23.66 -7.97 -7.52
C ARG C 202 22.53 -8.98 -7.60
N LEU C 203 22.34 -9.72 -6.51
CA LEU C 203 21.33 -10.76 -6.48
C LEU C 203 20.00 -10.20 -6.00
N THR C 204 19.33 -9.50 -6.90
CA THR C 204 18.02 -8.90 -6.58
C THR C 204 16.94 -9.88 -7.02
N SER C 205 15.68 -9.60 -6.72
CA SER C 205 14.69 -10.63 -6.87
C SER C 205 14.68 -11.34 -8.23
N ASP C 206 14.78 -10.59 -9.33
CA ASP C 206 14.67 -11.13 -10.70
C ASP C 206 15.82 -12.04 -11.07
N MET C 207 17.02 -11.75 -10.59
CA MET C 207 18.17 -12.54 -10.94
C MET C 207 18.03 -13.93 -10.30
N VAL C 208 17.69 -13.95 -9.02
CA VAL C 208 17.50 -15.17 -8.27
C VAL C 208 16.29 -15.97 -8.85
N LEU C 209 15.20 -15.27 -9.15
CA LEU C 209 14.00 -15.91 -9.71
C LEU C 209 14.23 -16.64 -11.03
N LYS C 210 14.89 -16.00 -11.98
CA LYS C 210 15.25 -16.66 -13.25
C LYS C 210 16.03 -17.98 -13.04
N CYS C 211 17.07 -17.90 -12.21
CA CYS C 211 17.96 -19.02 -11.93
C CYS C 211 17.27 -20.15 -11.15
N ALA C 212 16.48 -19.80 -10.14
CA ALA C 212 15.70 -20.79 -9.38
C ALA C 212 14.77 -21.54 -10.29
N ARG C 213 14.13 -20.82 -11.22
CA ARG C 213 13.07 -21.35 -12.10
C ARG C 213 13.59 -22.33 -13.17
N ILE C 214 14.86 -22.19 -13.54
CA ILE C 214 15.46 -23.11 -14.45
C ILE C 214 16.13 -24.24 -13.70
N GLY C 215 16.28 -24.10 -12.39
CA GLY C 215 16.74 -25.21 -11.55
C GLY C 215 18.22 -25.17 -11.23
N ILE C 216 18.84 -24.01 -11.33
CA ILE C 216 20.22 -23.85 -10.84
C ILE C 216 20.26 -23.83 -9.29
N PRO C 217 21.07 -24.74 -8.66
CA PRO C 217 21.05 -24.82 -7.20
C PRO C 217 22.08 -23.92 -6.47
N ILE C 218 23.00 -23.30 -7.22
CA ILE C 218 24.00 -22.47 -6.59
C ILE C 218 24.10 -21.17 -7.37
N ILE C 219 23.71 -20.08 -6.70
CA ILE C 219 23.66 -18.76 -7.28
C ILE C 219 24.63 -17.80 -6.55
N MET C 220 25.66 -17.35 -7.26
CA MET C 220 26.79 -16.65 -6.67
C MET C 220 26.92 -15.25 -7.29
N SER C 221 27.21 -14.26 -6.47
CA SER C 221 27.47 -12.93 -6.99
C SER C 221 28.82 -12.42 -6.52
N ARG C 222 29.44 -11.58 -7.35
CA ARG C 222 30.58 -10.78 -6.85
C ARG C 222 30.18 -9.78 -5.73
N THR C 223 28.90 -9.45 -5.66
CA THR C 223 28.47 -8.41 -4.74
C THR C 223 27.28 -8.89 -3.87
N SER C 224 26.35 -7.98 -3.58
CA SER C 224 25.29 -8.19 -2.59
C SER C 224 23.96 -8.81 -3.07
N PRO C 225 23.20 -9.42 -2.12
CA PRO C 225 21.81 -9.75 -2.36
C PRO C 225 20.88 -8.63 -1.89
N SER C 226 19.61 -8.66 -2.32
CA SER C 226 18.62 -7.81 -1.71
C SER C 226 17.80 -8.71 -0.81
N SER C 227 16.85 -8.11 -0.10
CA SER C 227 15.94 -8.86 0.79
C SER C 227 15.07 -9.85 0.05
N LEU C 228 14.56 -9.42 -1.09
CA LEU C 228 13.73 -10.24 -1.91
C LEU C 228 14.50 -11.37 -2.61
N GLY C 229 15.68 -11.06 -3.15
CA GLY C 229 16.53 -12.09 -3.74
C GLY C 229 16.73 -13.24 -2.76
N LEU C 230 17.04 -12.86 -1.53
CA LEU C 230 17.28 -13.81 -0.46
C LEU C 230 16.02 -14.55 -0.06
N ALA C 231 14.89 -13.83 0.05
CA ALA C 231 13.65 -14.48 0.39
C ALA C 231 13.35 -15.57 -0.64
N LEU C 232 13.58 -15.28 -1.92
CA LEU C 232 13.32 -16.22 -3.04
C LEU C 232 14.29 -17.42 -3.01
N ALA C 233 15.56 -17.17 -2.67
CA ALA C 233 16.49 -18.27 -2.46
C ALA C 233 16.02 -19.20 -1.33
N LYS C 234 15.78 -18.67 -0.14
CA LYS C 234 15.18 -19.47 0.94
C LYS C 234 13.93 -20.29 0.57
N ARG C 235 13.00 -19.70 -0.21
CA ARG C 235 11.79 -20.41 -0.65
C ARG C 235 12.10 -21.55 -1.65
N SER C 236 12.97 -21.29 -2.61
CA SER C 236 13.39 -22.29 -3.60
C SER C 236 14.37 -23.34 -3.03
N GLY C 237 15.09 -23.00 -1.96
CA GLY C 237 16.12 -23.88 -1.42
C GLY C 237 17.53 -23.68 -1.98
N ALA C 238 17.69 -22.66 -2.82
CA ALA C 238 18.94 -22.51 -3.57
C ALA C 238 20.04 -22.03 -2.62
N THR C 239 21.27 -22.44 -2.86
CA THR C 239 22.44 -21.85 -2.16
C THR C 239 22.71 -20.46 -2.75
N LEU C 240 22.74 -19.44 -1.91
CA LEU C 240 22.95 -18.05 -2.33
C LEU C 240 24.23 -17.57 -1.72
N VAL C 241 25.16 -17.16 -2.58
CA VAL C 241 26.52 -16.84 -2.18
C VAL C 241 26.85 -15.40 -2.64
N ALA C 242 27.33 -14.55 -1.74
CA ALA C 242 27.55 -13.16 -2.12
C ALA C 242 28.96 -12.69 -1.78
N TYR C 243 29.37 -11.53 -2.30
CA TYR C 243 30.71 -11.01 -2.03
C TYR C 243 31.79 -12.08 -2.33
N SER C 244 31.60 -12.86 -3.40
CA SER C 244 32.45 -14.00 -3.72
C SER C 244 33.83 -13.54 -4.14
N ARG C 245 34.86 -14.11 -3.53
CA ARG C 245 36.26 -13.78 -3.85
C ARG C 245 36.94 -15.13 -4.17
N PRO C 246 38.12 -15.13 -4.86
CA PRO C 246 38.70 -16.47 -5.13
C PRO C 246 38.74 -17.42 -3.94
N GLU C 247 39.02 -16.94 -2.73
CA GLU C 247 38.83 -17.80 -1.55
C GLU C 247 38.26 -17.17 -0.30
N ARG C 248 37.14 -16.49 -0.50
CA ARG C 248 36.27 -16.09 0.57
C ARG C 248 34.90 -15.88 -0.05
N ILE C 249 33.88 -16.49 0.53
CA ILE C 249 32.50 -16.29 0.10
C ILE C 249 31.64 -16.18 1.35
N ASN C 250 30.50 -15.52 1.18
CA ASN C 250 29.54 -15.27 2.23
C ASN C 250 28.34 -16.03 1.77
N VAL C 251 28.01 -17.09 2.49
CA VAL C 251 26.85 -17.88 2.15
C VAL C 251 25.63 -17.46 2.96
N PHE C 252 24.59 -17.00 2.26
CA PHE C 252 23.33 -16.55 2.88
C PHE C 252 22.25 -17.61 2.98
N ASN C 253 22.37 -18.68 2.19
CA ASN C 253 21.44 -19.83 2.32
C ASN C 253 22.11 -21.12 1.86
N ALA C 254 21.70 -22.25 2.47
CA ALA C 254 22.07 -23.63 2.09
C ALA C 254 23.55 -23.81 1.78
N PRO C 255 24.39 -23.64 2.82
CA PRO C 255 25.83 -23.80 2.68
C PRO C 255 26.34 -25.23 2.47
N GLU C 256 25.44 -26.23 2.53
CA GLU C 256 25.84 -27.64 2.39
C GLU C 256 26.40 -27.90 1.02
N ARG C 257 25.96 -27.11 0.04
CA ARG C 257 26.26 -27.36 -1.36
C ARG C 257 27.65 -26.92 -1.71
N ILE C 258 28.32 -26.28 -0.76
CA ILE C 258 29.73 -25.91 -0.91
C ILE C 258 30.56 -27.00 -0.19
N LEU C 259 31.44 -27.69 -0.90
CA LEU C 259 32.12 -28.82 -0.30
C LEU C 259 33.45 -28.39 0.31
N PRO D 9 11.20 0.08 7.29
CA PRO D 9 12.51 -0.59 7.20
C PRO D 9 13.12 -0.42 5.80
N LEU D 10 14.33 0.15 5.76
CA LEU D 10 15.11 0.24 4.50
C LEU D 10 16.10 -0.89 4.30
N SER D 11 16.52 -1.53 5.41
CA SER D 11 17.45 -2.67 5.42
C SER D 11 17.19 -3.53 6.62
N ILE D 12 17.72 -4.73 6.63
CA ILE D 12 17.57 -5.65 7.78
C ILE D 12 18.84 -6.45 7.96
N MET D 13 19.17 -6.76 9.22
CA MET D 13 20.33 -7.61 9.49
C MET D 13 19.98 -9.07 9.18
N GLN D 14 20.88 -9.76 8.51
CA GLN D 14 20.72 -11.18 8.14
C GLN D 14 22.01 -11.99 8.44
N LYS D 15 21.83 -13.25 8.78
CA LYS D 15 22.96 -14.08 9.04
C LYS D 15 23.55 -14.71 7.77
N SER D 16 24.87 -14.79 7.78
CA SER D 16 25.67 -15.23 6.68
C SER D 16 26.71 -16.18 7.30
N VAL D 17 27.28 -17.06 6.48
CA VAL D 17 28.42 -17.90 6.83
C VAL D 17 29.56 -17.55 5.88
N VAL D 18 30.63 -16.99 6.41
CA VAL D 18 31.80 -16.63 5.60
C VAL D 18 32.70 -17.86 5.49
N ILE D 19 32.86 -18.40 4.28
CA ILE D 19 33.69 -19.58 4.09
C ILE D 19 35.05 -19.22 3.49
N ARG D 20 36.10 -19.70 4.15
CA ARG D 20 37.48 -19.61 3.67
C ARG D 20 38.14 -21.00 3.71
N PRO D 21 39.40 -21.11 3.22
CA PRO D 21 40.14 -22.41 3.27
C PRO D 21 40.36 -22.88 4.73
N GLY D 22 40.78 -21.93 5.58
CA GLY D 22 40.92 -22.16 7.02
C GLY D 22 39.68 -22.72 7.73
N GLY D 23 38.49 -22.29 7.31
CA GLY D 23 37.26 -22.70 7.95
C GLY D 23 36.09 -21.76 7.66
N ARG D 24 35.06 -21.85 8.50
CA ARG D 24 33.78 -21.16 8.33
C ARG D 24 33.52 -20.29 9.55
N GLN D 25 32.66 -19.27 9.41
CA GLN D 25 32.44 -18.27 10.47
C GLN D 25 31.11 -17.50 10.25
N GLU D 26 30.25 -17.44 11.25
CA GLU D 26 28.95 -16.78 11.15
C GLU D 26 29.04 -15.27 11.25
N MET D 27 28.36 -14.55 10.37
CA MET D 27 28.48 -13.09 10.32
C MET D 27 27.14 -12.42 9.98
N ASP D 28 26.81 -11.36 10.70
CA ASP D 28 25.62 -10.55 10.42
C ASP D 28 25.91 -9.57 9.32
N GLU D 29 24.98 -9.45 8.37
CA GLU D 29 25.12 -8.54 7.23
C GLU D 29 23.91 -7.67 7.15
N HIS D 30 24.09 -6.45 6.63
CA HIS D 30 22.99 -5.54 6.36
C HIS D 30 22.51 -5.83 4.95
N VAL D 31 21.23 -6.05 4.80
CA VAL D 31 20.67 -6.42 3.51
C VAL D 31 19.55 -5.41 3.13
N ALA D 32 19.71 -4.74 1.99
CA ALA D 32 18.80 -3.66 1.61
C ALA D 32 17.47 -4.24 1.28
N ILE D 33 16.40 -3.49 1.59
CA ILE D 33 15.06 -3.94 1.20
C ILE D 33 14.67 -3.55 -0.22
N GLU D 34 14.20 -4.56 -0.94
CA GLU D 34 13.66 -4.43 -2.28
C GLU D 34 12.20 -4.82 -2.21
N THR D 35 11.28 -3.96 -2.65
CA THR D 35 9.85 -4.29 -2.55
C THR D 35 9.03 -3.75 -3.76
N PRO D 36 8.02 -4.52 -4.21
CA PRO D 36 7.32 -4.06 -5.43
C PRO D 36 6.27 -2.92 -5.18
N TYR D 37 6.32 -1.88 -6.01
CA TYR D 37 5.29 -0.81 -6.01
C TYR D 37 4.76 -0.64 -7.40
N ALA D 38 3.41 -0.60 -7.49
CA ALA D 38 2.68 -0.25 -8.68
C ALA D 38 2.53 1.27 -8.73
N ILE D 39 2.51 1.82 -9.94
CA ILE D 39 2.33 3.25 -10.12
C ILE D 39 1.09 3.42 -10.97
N ALA D 40 0.12 4.19 -10.48
CA ALA D 40 -1.09 4.41 -11.20
C ALA D 40 -1.14 5.87 -11.59
N LEU D 41 -1.76 6.15 -12.74
CA LEU D 41 -2.03 7.51 -13.20
C LEU D 41 -3.53 7.62 -13.42
N ASN D 42 -4.15 8.58 -12.72
CA ASN D 42 -5.60 8.76 -12.77
C ASN D 42 -6.31 7.40 -12.66
N ASP D 43 -6.03 6.69 -11.56
CA ASP D 43 -6.56 5.34 -11.19
C ASP D 43 -6.38 4.13 -12.13
N ARG D 44 -5.59 4.28 -13.20
CA ARG D 44 -5.14 3.11 -14.01
C ARG D 44 -3.67 2.80 -13.73
N VAL D 45 -3.37 1.54 -13.49
CA VAL D 45 -2.02 1.13 -13.18
C VAL D 45 -1.24 1.13 -14.49
N ILE D 46 -0.06 1.75 -14.46
CA ILE D 46 0.76 2.04 -15.64
C ILE D 46 1.90 1.05 -15.66
N GLY D 47 2.32 0.65 -14.47
CA GLY D 47 3.54 -0.10 -14.34
C GLY D 47 3.87 -0.36 -12.90
N SER D 48 4.98 -1.03 -12.75
CA SER D 48 5.41 -1.54 -11.51
C SER D 48 6.93 -1.56 -11.46
N SER D 49 7.47 -1.45 -10.24
CA SER D 49 8.89 -1.49 -10.09
C SER D 49 9.24 -2.08 -8.74
N MET D 50 10.47 -2.57 -8.63
CA MET D 50 11.03 -3.01 -7.38
C MET D 50 11.81 -1.84 -6.82
N VAL D 51 11.50 -1.43 -5.60
CA VAL D 51 11.98 -0.17 -5.09
C VAL D 51 12.61 -0.30 -3.71
N LEU D 52 13.47 0.67 -3.38
CA LEU D 52 13.84 0.93 -1.98
C LEU D 52 12.69 1.83 -1.52
N PRO D 53 11.88 1.39 -0.52
CA PRO D 53 10.61 2.09 -0.22
C PRO D 53 10.80 3.39 0.54
N VAL D 54 11.39 4.37 -0.11
CA VAL D 54 11.57 5.70 0.51
C VAL D 54 11.43 6.71 -0.64
N ASP D 55 10.96 7.93 -0.33
CA ASP D 55 10.72 8.99 -1.32
C ASP D 55 9.81 8.51 -2.44
N LEU D 56 8.68 7.91 -2.08
CA LEU D 56 7.77 7.33 -3.03
C LEU D 56 6.93 8.35 -3.84
N GLU D 57 6.66 9.53 -3.30
CA GLU D 57 5.98 10.61 -4.05
C GLU D 57 6.81 11.04 -5.22
N GLU D 58 8.06 11.39 -4.93
CA GLU D 58 9.07 11.74 -5.94
C GLU D 58 9.16 10.61 -6.99
N PHE D 59 9.36 9.38 -6.51
CA PHE D 59 9.40 8.25 -7.43
C PHE D 59 8.21 8.20 -8.37
N GLY D 60 7.00 8.33 -7.82
CA GLY D 60 5.79 8.20 -8.67
C GLY D 60 5.81 9.19 -9.78
N ALA D 61 6.06 10.44 -9.43
CA ALA D 61 6.09 11.54 -10.40
C ALA D 61 7.18 11.30 -11.42
N GLY D 62 8.39 10.94 -10.98
CA GLY D 62 9.49 10.78 -11.93
C GLY D 62 9.34 9.55 -12.80
N PHE D 63 8.65 8.54 -12.26
CA PHE D 63 8.47 7.31 -13.00
C PHE D 63 7.61 7.68 -14.23
N LEU D 64 6.54 8.42 -13.99
CA LEU D 64 5.60 8.85 -15.01
C LEU D 64 6.23 9.83 -16.04
N PHE D 65 7.00 10.81 -15.61
CA PHE D 65 7.84 11.55 -16.55
C PHE D 65 8.73 10.62 -17.42
N GLY D 66 9.39 9.65 -16.80
CA GLY D 66 10.28 8.73 -17.53
C GLY D 66 9.57 7.91 -18.60
N GLN D 67 8.32 7.50 -18.31
CA GLN D 67 7.47 6.82 -19.29
C GLN D 67 6.77 7.77 -20.27
N GLY D 68 7.00 9.07 -20.13
CA GLY D 68 6.49 10.04 -21.11
C GLY D 68 5.05 10.48 -20.87
N TYR D 69 4.48 10.18 -19.70
CA TYR D 69 3.11 10.62 -19.40
C TYR D 69 3.02 12.05 -18.88
N ILE D 70 3.85 12.39 -17.90
CA ILE D 70 3.87 13.75 -17.37
C ILE D 70 4.94 14.50 -18.13
N LYS D 71 4.66 15.73 -18.51
CA LYS D 71 5.63 16.55 -19.19
C LYS D 71 6.07 17.77 -18.36
N LYS D 72 5.20 18.27 -17.47
CA LYS D 72 5.53 19.46 -16.67
C LYS D 72 5.01 19.39 -15.25
N ALA D 73 5.73 20.04 -14.34
CA ALA D 73 5.32 20.17 -12.93
C ALA D 73 3.85 20.54 -12.74
N GLU D 74 3.33 21.41 -13.59
CA GLU D 74 2.01 22.00 -13.38
C GLU D 74 0.86 21.07 -13.72
N GLU D 75 1.16 19.97 -14.40
CA GLU D 75 0.16 18.93 -14.73
C GLU D 75 -0.35 18.11 -13.54
N ILE D 76 0.48 18.03 -12.49
CA ILE D 76 0.20 17.18 -11.35
C ILE D 76 -0.65 17.90 -10.31
N ARG D 77 -1.73 17.22 -9.92
CA ARG D 77 -2.71 17.72 -8.96
C ARG D 77 -2.44 17.13 -7.58
N GLU D 78 -2.13 15.84 -7.53
CA GLU D 78 -2.05 15.09 -6.26
C GLU D 78 -1.32 13.74 -6.41
N ILE D 79 -0.51 13.39 -5.40
CA ILE D 79 0.14 12.08 -5.32
C ILE D 79 -0.18 11.42 -3.99
N LEU D 80 -0.80 10.23 -4.05
CA LEU D 80 -1.14 9.44 -2.86
C LEU D 80 -0.25 8.21 -2.71
N VAL D 81 0.47 8.11 -1.58
CA VAL D 81 1.31 6.92 -1.26
C VAL D 81 0.50 5.94 -0.41
N CYS D 82 0.32 4.74 -0.97
CA CYS D 82 -0.32 3.63 -0.27
CA CYS D 82 -0.34 3.61 -0.30
C CYS D 82 0.74 2.65 0.25
N PRO D 83 0.84 2.50 1.59
CA PRO D 83 1.78 1.62 2.31
C PRO D 83 1.78 0.17 1.85
N GLN D 84 0.69 -0.30 1.22
CA GLN D 84 0.57 -1.71 0.80
C GLN D 84 1.23 -1.92 -0.56
N GLY D 85 1.61 -0.85 -1.24
CA GLY D 85 2.40 -0.97 -2.47
C GLY D 85 1.85 -0.32 -3.72
N ARG D 86 1.22 0.83 -3.58
CA ARG D 86 0.78 1.55 -4.74
C ARG D 86 1.12 3.02 -4.56
N ILE D 87 1.53 3.66 -5.64
CA ILE D 87 1.64 5.13 -5.66
C ILE D 87 0.66 5.61 -6.72
N SER D 88 -0.34 6.40 -6.32
CA SER D 88 -1.39 6.89 -7.18
C SER D 88 -1.20 8.38 -7.51
N VAL D 89 -0.92 8.64 -8.78
CA VAL D 89 -0.69 9.99 -9.22
C VAL D 89 -1.89 10.50 -9.99
N TYR D 90 -2.26 11.73 -9.67
CA TYR D 90 -3.35 12.46 -10.31
C TYR D 90 -2.82 13.65 -11.08
N ALA D 91 -3.03 13.62 -12.39
CA ALA D 91 -2.51 14.63 -13.31
C ALA D 91 -3.39 14.90 -14.54
N ASP D 92 -3.38 16.15 -15.00
CA ASP D 92 -3.97 16.54 -16.28
C ASP D 92 -2.98 16.30 -17.44
N VAL D 93 -2.96 15.08 -17.98
CA VAL D 93 -1.96 14.80 -19.00
C VAL D 93 -2.50 14.84 -20.42
N GLU D 94 -1.61 15.23 -21.33
CA GLU D 94 -1.81 15.14 -22.77
C GLU D 94 -2.33 13.76 -23.27
N ASN D 95 -1.74 12.64 -22.79
CA ASN D 95 -2.05 11.29 -23.31
C ASN D 95 -1.82 10.13 -22.32
N GLU D 96 -2.80 9.24 -22.21
CA GLU D 96 -2.79 8.17 -21.19
C GLU D 96 -2.76 6.74 -21.78
N GLU D 97 -2.57 6.66 -23.09
CA GLU D 97 -2.44 5.40 -23.79
C GLU D 97 -0.99 4.94 -23.66
N PRO D 98 -0.75 3.65 -23.33
CA PRO D 98 0.62 3.12 -23.20
C PRO D 98 1.44 3.26 -24.48
N LYS D 112 12.87 0.46 -18.48
CA LYS D 112 11.78 0.68 -19.42
C LYS D 112 11.80 2.13 -19.97
N ILE D 113 11.81 2.26 -21.30
CA ILE D 113 11.82 3.56 -21.99
C ILE D 113 10.85 3.54 -23.17
N PRO D 114 10.11 4.66 -23.39
CA PRO D 114 9.25 4.73 -24.58
C PRO D 114 10.08 5.09 -25.82
N LYS D 115 9.67 4.59 -26.99
CA LYS D 115 10.45 4.80 -28.22
C LYS D 115 10.36 6.24 -28.76
N GLU D 116 9.35 6.99 -28.31
CA GLU D 116 9.15 8.35 -28.75
C GLU D 116 10.20 9.26 -28.11
N MET D 117 10.43 9.06 -26.80
CA MET D 117 11.44 9.79 -26.03
C MET D 117 12.83 9.67 -26.65
N LEU D 118 13.20 8.45 -27.06
CA LEU D 118 14.50 8.19 -27.66
C LEU D 118 14.69 8.98 -28.95
N GLU D 119 13.68 8.93 -29.82
CA GLU D 119 13.68 9.58 -31.13
C GLU D 119 12.70 10.77 -31.17
N GLU D 121 13.48 15.11 -30.72
CA GLU D 121 14.22 16.37 -30.55
C GLU D 121 14.27 16.78 -29.09
N PHE D 122 15.35 17.45 -28.68
CA PHE D 122 15.50 17.92 -27.31
C PHE D 122 15.30 19.43 -27.22
N ALA D 123 14.42 19.87 -26.34
CA ALA D 123 14.34 21.29 -25.97
C ALA D 123 15.72 21.71 -25.41
N PRO D 124 16.03 23.03 -25.35
CA PRO D 124 17.33 23.47 -24.78
C PRO D 124 17.46 23.06 -23.31
N LEU D 125 18.70 22.88 -22.87
CA LEU D 125 18.92 22.52 -21.48
C LEU D 125 19.03 23.79 -20.63
N ALA D 126 19.07 23.64 -19.30
CA ALA D 126 19.22 24.76 -18.41
C ALA D 126 20.62 25.35 -18.53
N ASP D 127 20.84 26.38 -17.71
CA ASP D 127 21.86 27.37 -17.86
C ASP D 127 23.05 27.10 -16.92
N TYR D 128 22.90 26.17 -15.99
CA TYR D 128 23.88 25.91 -14.92
C TYR D 128 25.27 25.53 -15.46
N CYS D 129 26.32 25.99 -14.77
CA CYS D 129 27.70 25.59 -15.05
C CYS D 129 28.36 25.22 -13.73
N LEU D 130 29.11 24.12 -13.69
CA LEU D 130 29.68 23.62 -12.44
C LEU D 130 31.14 24.06 -12.25
N PRO D 131 31.48 24.73 -11.13
CA PRO D 131 32.88 25.02 -10.86
C PRO D 131 33.61 23.75 -10.47
N PHE D 132 34.78 23.54 -11.05
CA PHE D 132 35.52 22.30 -10.82
C PHE D 132 35.77 22.10 -9.33
N ALA D 133 36.02 23.19 -8.60
CA ALA D 133 36.38 23.08 -7.19
C ALA D 133 35.20 22.64 -6.31
N GLU D 134 33.97 22.80 -6.79
CA GLU D 134 32.83 22.32 -6.03
C GLU D 134 32.60 20.81 -6.19
N ILE D 135 33.12 20.20 -7.27
CA ILE D 135 32.99 18.74 -7.51
C ILE D 135 33.43 17.88 -6.33
N LYS D 136 34.55 18.18 -5.68
CA LYS D 136 34.90 17.49 -4.44
C LYS D 136 33.83 17.58 -3.34
N SER D 137 33.19 18.76 -3.18
CA SER D 137 32.11 18.86 -2.19
C SER D 137 30.82 18.12 -2.60
N PHE D 138 30.44 18.16 -3.89
CA PHE D 138 29.26 17.47 -4.44
C PHE D 138 29.43 15.97 -4.14
N ILE D 139 30.58 15.43 -4.56
CA ILE D 139 30.81 14.01 -4.49
C ILE D 139 30.83 13.55 -3.03
N ARG D 140 31.56 14.26 -2.17
CA ARG D 140 31.68 13.85 -0.78
C ARG D 140 30.32 13.97 -0.08
N GLU D 141 29.61 15.08 -0.29
CA GLU D 141 28.25 15.22 0.31
C GLU D 141 27.25 14.14 -0.15
N ALA D 142 27.22 13.83 -1.44
CA ALA D 142 26.34 12.78 -1.98
C ALA D 142 26.71 11.47 -1.34
N LEU D 143 27.98 11.10 -1.40
CA LEU D 143 28.40 9.81 -0.88
C LEU D 143 28.24 9.67 0.64
N HIS D 144 28.31 10.79 1.38
CA HIS D 144 28.22 10.71 2.85
C HIS D 144 26.84 11.04 3.44
N SER D 145 25.88 11.14 2.54
CA SER D 145 24.55 11.59 2.87
C SER D 145 23.72 10.49 3.54
N SER D 146 24.06 9.22 3.26
CA SER D 146 23.31 8.09 3.78
C SER D 146 24.24 6.92 3.99
N PRO D 147 24.02 6.15 5.04
CA PRO D 147 24.85 5.00 5.33
C PRO D 147 24.51 3.72 4.54
N LEU D 148 23.42 3.70 3.77
CA LEU D 148 22.94 2.44 3.18
C LEU D 148 23.90 1.80 2.20
N GLY D 149 24.54 2.63 1.36
CA GLY D 149 25.49 2.14 0.40
C GLY D 149 26.65 1.37 1.01
N PRO D 150 27.41 2.01 1.91
CA PRO D 150 28.46 1.40 2.72
C PRO D 150 28.00 0.18 3.56
N GLN D 151 26.74 0.15 3.99
CA GLN D 151 26.22 -0.99 4.75
C GLN D 151 25.76 -2.20 3.93
N THR D 152 24.88 -1.98 2.95
CA THR D 152 24.17 -3.04 2.25
C THR D 152 24.82 -3.40 0.92
N HIS D 153 25.64 -2.47 0.44
CA HIS D 153 26.30 -2.50 -0.87
C HIS D 153 25.34 -2.72 -2.01
N CYS D 154 24.07 -2.34 -1.84
CA CYS D 154 22.96 -2.72 -2.76
C CYS D 154 21.99 -1.56 -3.14
N VAL D 155 22.48 -0.32 -3.04
CA VAL D 155 21.71 0.84 -3.41
C VAL D 155 22.57 1.77 -4.24
N HIS D 156 21.88 2.38 -5.21
CA HIS D 156 22.43 3.39 -6.02
C HIS D 156 21.97 4.73 -5.51
N GLY D 157 22.72 5.78 -5.82
CA GLY D 157 22.33 7.10 -5.40
C GLY D 157 22.38 8.05 -6.56
N CYS D 158 21.57 9.11 -6.50
CA CYS D 158 21.55 10.19 -7.51
C CYS D 158 21.22 11.46 -6.77
N GLY D 159 22.02 12.51 -7.02
CA GLY D 159 21.80 13.81 -6.36
C GLY D 159 21.91 15.00 -7.27
N LEU D 160 21.40 16.16 -6.82
CA LEU D 160 21.50 17.40 -7.60
C LEU D 160 22.31 18.45 -6.84
N TRP D 161 23.16 19.16 -7.58
CA TRP D 161 23.99 20.20 -7.01
C TRP D 161 23.71 21.52 -7.74
N ASN D 162 23.48 22.59 -6.94
CA ASN D 162 23.45 23.99 -7.42
C ASN D 162 23.60 24.92 -6.24
N ASN D 163 23.91 26.16 -6.54
CA ASN D 163 24.16 27.15 -5.50
C ASN D 163 25.12 26.67 -4.44
N GLY D 164 26.12 25.91 -4.87
CA GLY D 164 27.18 25.51 -3.95
C GLY D 164 26.72 24.57 -2.85
N ARG D 165 25.57 23.91 -3.03
CA ARG D 165 25.19 22.84 -2.11
C ARG D 165 24.36 21.69 -2.71
N LEU D 166 24.14 20.63 -1.92
CA LEU D 166 23.42 19.42 -2.35
C LEU D 166 21.91 19.59 -2.20
N GLN D 167 21.21 19.86 -3.30
CA GLN D 167 19.82 20.23 -3.15
C GLN D 167 18.99 19.01 -2.72
N VAL D 168 19.14 17.90 -3.46
CA VAL D 168 18.46 16.62 -3.12
C VAL D 168 19.41 15.46 -3.38
N TYR D 169 19.19 14.34 -2.68
CA TYR D 169 19.93 13.09 -2.88
C TYR D 169 18.99 11.97 -2.53
N HIS D 170 18.85 11.01 -3.45
CA HIS D 170 17.86 9.92 -3.35
C HIS D 170 18.60 8.63 -3.61
N GLU D 171 18.15 7.56 -2.95
CA GLU D 171 18.68 6.21 -3.12
C GLU D 171 17.61 5.23 -3.56
N ASP D 172 18.03 4.20 -4.27
CA ASP D 172 17.15 3.08 -4.56
C ASP D 172 18.00 1.88 -4.89
N VAL D 173 17.33 0.75 -4.98
CA VAL D 173 18.00 -0.47 -5.32
C VAL D 173 18.30 -0.43 -6.82
N GLY D 174 17.52 0.30 -7.58
CA GLY D 174 17.71 0.34 -9.01
C GLY D 174 18.16 1.69 -9.41
N ARG D 175 19.19 1.77 -10.28
CA ARG D 175 19.72 3.08 -10.65
C ARG D 175 18.71 3.94 -11.42
N HIS D 176 17.85 3.31 -12.24
CA HIS D 176 16.83 4.03 -12.96
C HIS D 176 15.82 4.62 -11.99
N ASN D 177 15.47 3.89 -10.92
CA ASN D 177 14.49 4.42 -9.95
C ASN D 177 15.07 5.57 -9.14
N ALA D 178 16.39 5.54 -8.89
CA ALA D 178 17.03 6.63 -8.14
C ALA D 178 17.00 7.88 -8.99
N VAL D 179 17.20 7.75 -10.29
CA VAL D 179 17.11 8.92 -11.16
C VAL D 179 15.68 9.43 -11.28
N ASP D 180 14.71 8.52 -11.39
CA ASP D 180 13.27 8.92 -11.33
C ASP D 180 12.91 9.77 -10.11
N LYS D 181 13.47 9.41 -8.96
CA LYS D 181 13.20 10.15 -7.76
C LYS D 181 13.70 11.58 -7.85
N VAL D 182 14.87 11.76 -8.43
CA VAL D 182 15.43 13.08 -8.61
C VAL D 182 14.55 13.91 -9.56
N LEU D 183 14.18 13.31 -10.68
CA LEU D 183 13.21 13.88 -11.61
C LEU D 183 11.95 14.29 -10.87
N GLY D 184 11.42 13.39 -10.05
CA GLY D 184 10.28 13.68 -9.18
C GLY D 184 10.48 14.84 -8.24
N SER D 185 11.67 14.98 -7.64
CA SER D 185 11.91 16.18 -6.86
C SER D 185 11.74 17.44 -7.73
N ILE D 186 12.32 17.42 -8.93
CA ILE D 186 12.21 18.57 -9.80
C ILE D 186 10.73 18.85 -10.10
N LEU D 187 9.99 17.82 -10.52
CA LEU D 187 8.56 17.97 -10.86
C LEU D 187 7.67 18.43 -9.70
N LEU D 188 8.08 18.21 -8.45
CA LEU D 188 7.33 18.65 -7.28
C LEU D 188 7.82 20.00 -6.69
N GLY D 189 8.68 20.70 -7.42
CA GLY D 189 9.19 22.00 -7.00
C GLY D 189 10.08 21.85 -5.76
N ARG D 190 10.63 20.67 -5.53
CA ARG D 190 11.55 20.50 -4.42
C ARG D 190 13.03 20.62 -4.86
N ALA D 191 13.27 20.86 -6.14
CA ALA D 191 14.63 20.92 -6.67
C ALA D 191 14.56 21.55 -8.07
N SER D 192 15.68 22.04 -8.56
CA SER D 192 15.70 22.73 -9.83
C SER D 192 16.42 21.92 -10.89
N ASN D 193 15.98 22.04 -12.12
CA ASN D 193 16.72 21.41 -13.23
C ASN D 193 18.07 22.13 -13.53
N ASN D 194 18.23 23.33 -12.94
CA ASN D 194 19.38 24.16 -13.14
C ASN D 194 20.54 23.79 -12.17
N SER D 195 21.21 22.64 -12.45
CA SER D 195 21.97 21.90 -11.45
C SER D 195 22.87 20.92 -12.20
N ALA D 196 23.89 20.39 -11.55
CA ALA D 196 24.54 19.18 -12.04
C ALA D 196 23.89 17.96 -11.35
N VAL D 197 23.75 16.87 -12.08
CA VAL D 197 23.37 15.63 -11.44
C VAL D 197 24.57 14.67 -11.37
N TYR D 198 24.65 13.96 -10.25
CA TYR D 198 25.67 12.97 -10.05
C TYR D 198 24.98 11.67 -9.70
N THR D 199 25.40 10.56 -10.31
CA THR D 199 24.92 9.24 -9.84
C THR D 199 26.06 8.24 -9.74
N THR D 200 25.83 7.24 -8.91
CA THR D 200 26.73 6.13 -8.75
C THR D 200 26.53 5.18 -9.92
N GLY D 201 25.41 5.33 -10.63
CA GLY D 201 25.11 4.42 -11.76
C GLY D 201 25.71 4.75 -13.14
N ARG D 202 25.79 3.74 -14.00
CA ARG D 202 26.38 3.89 -15.31
C ARG D 202 25.42 4.71 -16.16
N LEU D 203 25.95 5.48 -17.10
CA LEU D 203 25.13 6.34 -17.92
C LEU D 203 24.73 5.64 -19.22
N THR D 204 23.83 4.66 -19.08
CA THR D 204 23.27 4.01 -20.22
C THR D 204 22.23 4.96 -20.81
N SER D 205 21.53 4.53 -21.88
CA SER D 205 20.54 5.36 -22.62
C SER D 205 19.44 6.03 -21.83
N ASP D 206 18.83 5.28 -20.91
CA ASP D 206 17.76 5.77 -20.06
C ASP D 206 18.21 6.83 -19.06
N MET D 207 19.34 6.61 -18.42
CA MET D 207 19.81 7.55 -17.42
C MET D 207 19.98 8.93 -18.07
N VAL D 208 20.69 8.98 -19.19
CA VAL D 208 21.03 10.22 -19.87
C VAL D 208 19.76 10.84 -20.44
N LEU D 209 18.91 10.00 -20.98
CA LEU D 209 17.74 10.51 -21.67
C LEU D 209 16.81 11.24 -20.70
N LYS D 210 16.59 10.65 -19.52
CA LYS D 210 15.76 11.23 -18.50
C LYS D 210 16.25 12.58 -18.06
N CYS D 211 17.54 12.67 -17.71
CA CYS D 211 18.11 13.93 -17.26
C CYS D 211 18.07 15.03 -18.32
N ALA D 212 18.27 14.64 -19.58
CA ALA D 212 18.17 15.59 -20.69
C ALA D 212 16.76 16.09 -20.96
N ARG D 213 15.79 15.17 -20.94
CA ARG D 213 14.38 15.51 -21.22
C ARG D 213 13.82 16.52 -20.25
N ILE D 214 14.28 16.44 -19.01
CA ILE D 214 13.90 17.36 -17.98
C ILE D 214 14.76 18.62 -17.98
N GLY D 215 15.85 18.63 -18.75
CA GLY D 215 16.65 19.83 -18.96
C GLY D 215 17.88 20.04 -18.09
N ILE D 216 18.31 18.98 -17.39
CA ILE D 216 19.58 19.01 -16.61
C ILE D 216 20.73 19.10 -17.63
N PRO D 217 21.60 20.12 -17.55
CA PRO D 217 22.71 20.31 -18.56
C PRO D 217 24.04 19.58 -18.27
N ILE D 218 24.23 19.13 -17.02
CA ILE D 218 25.42 18.40 -16.62
C ILE D 218 25.04 17.08 -15.94
N ILE D 219 25.59 15.96 -16.44
CA ILE D 219 25.20 14.61 -16.02
C ILE D 219 26.51 13.91 -15.71
N MET D 220 26.75 13.64 -14.42
CA MET D 220 28.00 13.04 -13.93
C MET D 220 27.78 11.64 -13.34
N SER D 221 28.73 10.75 -13.54
CA SER D 221 28.67 9.41 -13.01
C SER D 221 30.01 9.04 -12.37
N ARG D 222 29.94 8.30 -11.28
CA ARG D 222 31.10 7.65 -10.71
C ARG D 222 31.76 6.64 -11.66
N THR D 223 30.98 6.13 -12.62
CA THR D 223 31.43 5.06 -13.48
C THR D 223 31.24 5.41 -14.97
N SER D 224 30.88 4.43 -15.79
CA SER D 224 30.98 4.58 -17.26
C SER D 224 29.69 4.93 -17.98
N PRO D 225 29.80 5.51 -19.19
CA PRO D 225 28.66 5.66 -20.09
C PRO D 225 28.57 4.48 -21.06
N SER D 226 27.42 4.30 -21.72
CA SER D 226 27.37 3.38 -22.85
C SER D 226 27.41 4.20 -24.14
N SER D 227 27.41 3.51 -25.28
CA SER D 227 27.45 4.19 -26.58
C SER D 227 26.15 5.00 -26.83
N LEU D 228 25.01 4.41 -26.55
CA LEU D 228 23.77 5.12 -26.69
C LEU D 228 23.70 6.33 -25.70
N GLY D 229 24.11 6.14 -24.45
CA GLY D 229 24.06 7.22 -23.47
C GLY D 229 24.77 8.45 -24.00
N LEU D 230 25.99 8.22 -24.48
CA LEU D 230 26.83 9.19 -25.18
C LEU D 230 26.20 9.78 -26.45
N ALA D 231 25.70 8.95 -27.36
CA ALA D 231 24.96 9.49 -28.50
C ALA D 231 23.88 10.46 -27.99
N LEU D 232 23.26 10.17 -26.84
CA LEU D 232 22.14 11.02 -26.44
C LEU D 232 22.59 12.31 -25.78
N ALA D 233 23.71 12.27 -25.06
CA ALA D 233 24.31 13.48 -24.54
C ALA D 233 24.77 14.43 -25.67
N LYS D 234 25.34 13.85 -26.71
CA LYS D 234 25.81 14.59 -27.88
C LYS D 234 24.66 15.28 -28.57
N ARG D 235 23.59 14.53 -28.87
CA ARG D 235 22.39 15.09 -29.45
C ARG D 235 21.73 16.17 -28.58
N SER D 236 21.57 15.92 -27.29
CA SER D 236 20.90 16.89 -26.41
C SER D 236 21.79 18.11 -26.17
N GLY D 237 23.10 17.93 -26.34
CA GLY D 237 24.12 18.94 -25.99
C GLY D 237 24.59 18.91 -24.54
N ALA D 238 24.25 17.85 -23.83
CA ALA D 238 24.55 17.80 -22.38
C ALA D 238 26.02 17.51 -22.13
N THR D 239 26.57 18.08 -21.06
CA THR D 239 27.87 17.70 -20.53
C THR D 239 27.73 16.31 -19.88
N LEU D 240 28.54 15.37 -20.36
CA LEU D 240 28.57 14.00 -19.82
C LEU D 240 29.94 13.75 -19.19
N VAL D 241 29.91 13.48 -17.88
CA VAL D 241 31.05 13.30 -17.06
C VAL D 241 31.03 11.84 -16.54
N ALA D 242 32.11 11.09 -16.86
CA ALA D 242 32.31 9.69 -16.45
C ALA D 242 33.46 9.57 -15.47
N TYR D 243 33.52 8.46 -14.72
CA TYR D 243 34.66 8.17 -13.82
C TYR D 243 35.00 9.33 -12.88
N SER D 244 33.95 10.00 -12.38
CA SER D 244 34.10 11.15 -11.50
C SER D 244 34.69 10.83 -10.17
N ARG D 245 35.75 11.58 -9.87
CA ARG D 245 36.41 11.52 -8.57
C ARG D 245 36.44 12.94 -8.07
N PRO D 246 36.58 13.13 -6.75
CA PRO D 246 36.63 14.46 -6.17
C PRO D 246 37.53 15.43 -6.92
N GLU D 247 38.61 14.94 -7.53
CA GLU D 247 39.54 15.85 -8.20
C GLU D 247 40.04 15.31 -9.53
N ARG D 248 39.19 14.59 -10.24
CA ARG D 248 39.54 14.08 -11.54
C ARG D 248 38.22 13.67 -12.18
N ILE D 249 37.97 14.17 -13.38
CA ILE D 249 36.75 13.82 -14.10
C ILE D 249 37.09 13.56 -15.55
N ASN D 250 36.34 12.64 -16.16
CA ASN D 250 36.45 12.39 -17.59
C ASN D 250 35.24 12.92 -18.34
N VAL D 251 35.42 14.01 -19.10
CA VAL D 251 34.34 14.66 -19.79
C VAL D 251 34.25 14.17 -21.23
N PHE D 252 33.13 13.55 -21.56
CA PHE D 252 32.91 12.92 -22.85
C PHE D 252 32.19 13.82 -23.82
N ASN D 253 31.65 14.92 -23.30
CA ASN D 253 30.93 15.90 -24.12
C ASN D 253 30.86 17.23 -23.38
N ALA D 254 30.89 18.30 -24.15
CA ALA D 254 30.65 19.69 -23.71
C ALA D 254 31.33 20.09 -22.39
N PRO D 255 32.67 20.03 -22.35
CA PRO D 255 33.46 20.35 -21.16
C PRO D 255 33.45 21.84 -20.80
N GLU D 256 32.93 22.70 -21.68
CA GLU D 256 32.85 24.14 -21.38
C GLU D 256 32.00 24.49 -20.15
N ARG D 257 31.14 23.53 -19.72
CA ARG D 257 30.26 23.74 -18.55
C ARG D 257 30.92 23.45 -17.24
N ILE D 258 32.16 22.96 -17.27
CA ILE D 258 32.92 22.79 -16.03
C ILE D 258 33.92 23.94 -15.95
N LEU D 259 33.87 24.73 -14.87
CA LEU D 259 34.62 25.97 -14.78
C LEU D 259 35.97 25.82 -14.10
S SO4 E . -18.72 1.95 15.41
O1 SO4 E . -19.45 3.11 14.90
O2 SO4 E . -17.29 2.06 15.09
O3 SO4 E . -18.82 1.88 16.85
O4 SO4 E . -19.27 0.76 14.83
S SO4 F . 23.69 -2.13 -12.01
O1 SO4 F . 24.93 -1.74 -12.65
O2 SO4 F . 23.27 -3.45 -12.47
O3 SO4 F . 24.02 -2.18 -10.58
O4 SO4 F . 22.71 -1.14 -12.30
#